data_1SST
#
_entry.id   1SST
#
_cell.length_a   111.300
_cell.length_b   125.000
_cell.length_c   103.000
_cell.angle_alpha   90.00
_cell.angle_beta   90.00
_cell.angle_gamma   90.00
#
_symmetry.space_group_name_H-M   'C 2 2 21'
#
loop_
_entity.id
_entity.type
_entity.pdbx_description
1 polymer 'Serine acetyltransferase'
2 non-polymer 'COENZYME A'
3 water water
#
_entity_poly.entity_id   1
_entity_poly.type   'polypeptide(L)'
_entity_poly.pdbx_seq_one_letter_code
;MTLDVWQHIRQEAKELAENEPMLASFFHSTILKHQNLGGALSYLLANKLANPIMPAISLREIIEEAYQSNPSIIDCAACD
IQAVRHRDPAVELWSTPLLYLKGFHAIQSYRITHYLWNQNRKSLALYLQNQISVAFDVDIHPAAKIGHGIMFDHATGIVV
GETSVIENDVSILQGVTLGGTGKESGDRHPKVREGVMIGAGAKILGNIEVGKYAKIGANSVVLNPVPEYATAAGVPARIV
SQDKAAKPAFDMNQYFIGIDDGMNLNI
;
_entity_poly.pdbx_strand_id   A,B,C
#
# COMPACT_ATOMS: atom_id res chain seq x y z
N MET A 1 19.94 23.59 -11.03
CA MET A 1 21.25 22.99 -10.67
C MET A 1 21.08 22.28 -9.35
N THR A 2 21.81 21.17 -9.19
CA THR A 2 21.80 20.40 -7.96
C THR A 2 22.29 21.31 -6.84
N LEU A 3 23.22 22.23 -7.14
CA LEU A 3 23.71 23.12 -6.08
C LEU A 3 22.65 24.17 -5.77
N ASP A 4 21.88 24.53 -6.79
CA ASP A 4 20.82 25.51 -6.60
C ASP A 4 19.71 24.94 -5.74
N VAL A 5 19.17 23.82 -6.19
CA VAL A 5 18.10 23.16 -5.43
C VAL A 5 18.59 22.83 -4.00
N TRP A 6 19.86 22.43 -3.88
CA TRP A 6 20.41 22.10 -2.56
C TRP A 6 20.42 23.33 -1.67
N GLN A 7 20.85 24.47 -2.22
CA GLN A 7 20.89 25.70 -1.39
C GLN A 7 19.47 26.04 -0.91
N HIS A 8 18.50 25.91 -1.80
CA HIS A 8 17.11 26.18 -1.43
C HIS A 8 16.70 25.26 -0.27
N ILE A 9 17.02 23.99 -0.40
CA ILE A 9 16.68 23.00 0.62
C ILE A 9 17.32 23.31 1.98
N ARG A 10 18.60 23.67 1.96
CA ARG A 10 19.27 24.01 3.23
C ARG A 10 18.68 25.27 3.87
N GLN A 11 18.31 26.28 3.07
CA GLN A 11 17.76 27.50 3.63
C GLN A 11 16.43 27.14 4.27
N GLU A 12 15.64 26.32 3.61
CA GLU A 12 14.36 25.93 4.15
C GLU A 12 14.54 25.08 5.39
N ALA A 13 15.38 24.04 5.33
CA ALA A 13 15.55 23.17 6.49
C ALA A 13 16.00 23.98 7.70
N LYS A 14 16.85 24.97 7.50
CA LYS A 14 17.31 25.77 8.64
C LYS A 14 16.15 26.46 9.33
N GLU A 15 15.21 27.00 8.57
CA GLU A 15 14.07 27.69 9.17
C GLU A 15 13.03 26.72 9.71
N LEU A 16 12.81 25.63 8.98
CA LEU A 16 11.87 24.62 9.40
C LEU A 16 12.28 24.03 10.78
N ALA A 17 13.58 23.76 10.94
CA ALA A 17 14.08 23.23 12.18
C ALA A 17 13.89 24.31 13.25
N GLU A 18 14.06 25.57 12.86
CA GLU A 18 13.87 26.67 13.80
C GLU A 18 12.44 26.72 14.34
N ASN A 19 11.45 26.64 13.47
CA ASN A 19 10.04 26.73 13.84
C ASN A 19 9.35 25.52 14.43
N GLU A 20 9.97 24.35 14.37
CA GLU A 20 9.33 23.16 14.91
C GLU A 20 10.32 22.32 15.74
N PRO A 21 10.36 22.56 17.05
CA PRO A 21 11.24 21.86 17.98
C PRO A 21 11.22 20.34 17.95
N MET A 22 10.03 19.76 17.78
CA MET A 22 9.86 18.32 17.76
C MET A 22 10.31 17.70 16.47
N LEU A 23 10.80 18.51 15.55
CA LEU A 23 11.19 17.96 14.28
C LEU A 23 12.58 18.37 13.86
N ALA A 24 13.16 19.30 14.62
CA ALA A 24 14.52 19.80 14.38
C ALA A 24 15.55 18.70 14.22
N SER A 25 15.41 17.64 15.03
CA SER A 25 16.35 16.51 14.98
C SER A 25 16.30 15.91 13.60
N PHE A 26 15.09 15.71 13.11
CA PHE A 26 14.81 15.15 11.81
C PHE A 26 15.41 15.99 10.69
N PHE A 27 15.27 17.31 10.75
CA PHE A 27 15.82 18.16 9.72
C PHE A 27 17.36 18.16 9.73
N HIS A 28 17.94 18.08 10.92
CA HIS A 28 19.38 18.05 11.02
C HIS A 28 19.94 16.73 10.48
N SER A 29 19.25 15.63 10.76
CA SER A 29 19.73 14.32 10.29
C SER A 29 19.58 14.05 8.79
N THR A 30 18.47 14.46 8.21
CA THR A 30 18.25 14.25 6.78
C THR A 30 18.94 15.31 5.94
N ILE A 31 18.85 16.57 6.36
CA ILE A 31 19.46 17.63 5.58
C ILE A 31 20.68 18.41 6.10
N LEU A 32 20.52 19.21 7.15
CA LEU A 32 21.62 20.07 7.65
C LEU A 32 22.98 19.46 7.93
N LYS A 33 23.05 18.24 8.42
CA LYS A 33 24.36 17.62 8.68
C LYS A 33 25.06 17.16 7.39
N HIS A 34 24.33 17.07 6.27
CA HIS A 34 24.97 16.64 5.00
C HIS A 34 25.48 17.82 4.17
N GLN A 35 26.41 17.57 3.27
CA GLN A 35 26.93 18.65 2.44
C GLN A 35 26.44 18.71 0.99
N ASN A 36 25.49 17.87 0.62
CA ASN A 36 24.95 17.91 -0.74
C ASN A 36 23.73 16.99 -0.85
N LEU A 37 22.97 17.14 -1.91
CA LEU A 37 21.76 16.37 -2.14
C LEU A 37 21.98 14.85 -2.12
N GLY A 38 23.09 14.42 -2.70
CA GLY A 38 23.41 13.00 -2.74
C GLY A 38 23.53 12.43 -1.32
N GLY A 39 24.12 13.20 -0.42
CA GLY A 39 24.25 12.70 0.93
C GLY A 39 22.89 12.61 1.61
N ALA A 40 22.06 13.62 1.39
CA ALA A 40 20.74 13.65 2.02
C ALA A 40 19.86 12.54 1.44
N LEU A 41 19.83 12.47 0.11
CA LEU A 41 19.02 11.48 -0.57
C LEU A 41 19.40 10.05 -0.20
N SER A 42 20.69 9.73 -0.19
CA SER A 42 21.04 8.36 0.16
C SER A 42 20.67 8.02 1.62
N TYR A 43 20.83 8.99 2.52
CA TYR A 43 20.50 8.78 3.92
C TYR A 43 19.01 8.50 4.06
N LEU A 44 18.23 9.38 3.44
CA LEU A 44 16.79 9.26 3.47
C LEU A 44 16.33 7.92 2.90
N LEU A 45 16.85 7.56 1.72
CA LEU A 45 16.46 6.32 1.07
C LEU A 45 16.90 5.05 1.80
N ALA A 46 18.13 5.03 2.31
CA ALA A 46 18.63 3.87 3.04
C ALA A 46 17.74 3.60 4.26
N ASN A 47 17.37 4.66 4.97
CA ASN A 47 16.51 4.59 6.15
C ASN A 47 15.08 4.10 5.84
N LYS A 48 14.55 4.48 4.68
CA LYS A 48 13.18 4.08 4.36
C LYS A 48 13.06 2.66 3.81
N LEU A 49 14.11 2.20 3.16
CA LEU A 49 14.14 0.87 2.58
C LEU A 49 14.75 -0.14 3.56
N ALA A 50 15.23 0.35 4.69
CA ALA A 50 15.86 -0.48 5.69
C ALA A 50 14.88 -1.49 6.30
N ASN A 51 15.41 -2.64 6.73
CA ASN A 51 14.59 -3.65 7.41
C ASN A 51 15.54 -4.44 8.30
N PRO A 52 15.00 -5.36 9.09
CA PRO A 52 15.83 -6.18 9.99
C PRO A 52 16.96 -6.90 9.26
N ILE A 53 16.70 -7.43 8.07
CA ILE A 53 17.75 -8.15 7.37
C ILE A 53 18.85 -7.29 6.70
N MET A 54 18.48 -6.12 6.17
CA MET A 54 19.44 -5.22 5.54
C MET A 54 19.18 -3.81 6.09
N PRO A 55 19.81 -3.46 7.22
CA PRO A 55 19.65 -2.17 7.89
C PRO A 55 20.10 -0.98 7.04
N ALA A 56 19.77 0.23 7.49
CA ALA A 56 20.13 1.42 6.75
C ALA A 56 21.61 1.51 6.44
N ILE A 57 22.46 1.18 7.41
CA ILE A 57 23.90 1.28 7.18
C ILE A 57 24.33 0.46 5.98
N SER A 58 23.73 -0.71 5.81
CA SER A 58 24.06 -1.57 4.67
C SER A 58 23.47 -1.07 3.37
N LEU A 59 22.21 -0.67 3.37
CA LEU A 59 21.61 -0.16 2.14
C LEU A 59 22.30 1.10 1.62
N ARG A 60 22.79 1.93 2.53
CA ARG A 60 23.41 3.16 2.11
C ARG A 60 24.69 2.89 1.33
N GLU A 61 25.42 1.84 1.69
CA GLU A 61 26.66 1.50 0.99
C GLU A 61 26.36 1.27 -0.48
N ILE A 62 25.24 0.59 -0.74
CA ILE A 62 24.81 0.26 -2.09
C ILE A 62 24.41 1.53 -2.84
N ILE A 63 23.62 2.39 -2.22
CA ILE A 63 23.22 3.60 -2.89
C ILE A 63 24.43 4.50 -3.17
N GLU A 64 25.33 4.61 -2.20
CA GLU A 64 26.50 5.46 -2.41
C GLU A 64 27.39 4.91 -3.54
N GLU A 65 27.45 3.58 -3.66
CA GLU A 65 28.26 2.94 -4.71
C GLU A 65 27.68 3.46 -6.04
N ALA A 66 26.35 3.36 -6.17
CA ALA A 66 25.67 3.83 -7.38
C ALA A 66 25.87 5.32 -7.69
N TYR A 67 25.76 6.17 -6.67
CA TYR A 67 25.91 7.64 -6.83
C TYR A 67 27.33 8.04 -7.18
N GLN A 68 28.28 7.26 -6.69
CA GLN A 68 29.68 7.47 -6.95
C GLN A 68 29.95 7.09 -8.41
N SER A 69 29.34 5.99 -8.83
CA SER A 69 29.53 5.50 -10.18
C SER A 69 28.85 6.32 -11.24
N ASN A 70 27.68 6.83 -10.90
CA ASN A 70 26.88 7.59 -11.81
C ASN A 70 26.26 8.79 -11.10
N PRO A 71 27.05 9.85 -10.88
CA PRO A 71 26.58 11.06 -10.20
C PRO A 71 25.33 11.65 -10.84
N SER A 72 25.13 11.38 -12.13
CA SER A 72 23.98 11.98 -12.76
C SER A 72 22.65 11.52 -12.16
N ILE A 73 22.66 10.39 -11.47
CA ILE A 73 21.44 9.89 -10.83
C ILE A 73 20.89 11.00 -9.91
N ILE A 74 21.78 11.60 -9.14
CA ILE A 74 21.39 12.68 -8.24
C ILE A 74 20.84 13.86 -9.04
N ASP A 75 21.43 14.15 -10.19
CA ASP A 75 20.93 15.27 -11.01
C ASP A 75 19.49 14.99 -11.42
N CYS A 76 19.18 13.76 -11.81
CA CYS A 76 17.78 13.51 -12.16
C CYS A 76 16.86 13.79 -10.93
N ALA A 77 17.37 13.48 -9.75
CA ALA A 77 16.59 13.71 -8.53
C ALA A 77 16.28 15.21 -8.37
N ALA A 78 17.27 16.07 -8.57
CA ALA A 78 17.06 17.51 -8.43
C ALA A 78 16.03 17.98 -9.45
N CYS A 79 16.04 17.38 -10.64
CA CYS A 79 15.09 17.76 -11.67
C CYS A 79 13.66 17.34 -11.29
N ASP A 80 13.52 16.16 -10.69
CA ASP A 80 12.19 15.69 -10.27
C ASP A 80 11.64 16.55 -9.14
N ILE A 81 12.52 17.19 -8.38
CA ILE A 81 12.03 18.02 -7.29
C ILE A 81 11.30 19.24 -7.82
N GLN A 82 11.85 19.86 -8.86
CA GLN A 82 11.24 21.04 -9.43
C GLN A 82 9.89 20.63 -9.99
N ALA A 83 9.89 19.57 -10.78
CA ALA A 83 8.63 19.14 -11.35
C ALA A 83 7.52 19.07 -10.28
N VAL A 84 7.67 18.26 -9.22
CA VAL A 84 6.62 18.16 -8.19
C VAL A 84 6.34 19.54 -7.61
N ARG A 85 7.37 20.38 -7.59
CA ARG A 85 7.20 21.73 -7.06
C ARG A 85 6.41 22.65 -7.99
N HIS A 86 6.85 22.82 -9.24
CA HIS A 86 6.11 23.69 -10.17
C HIS A 86 4.80 23.02 -10.61
N ARG A 87 4.87 21.75 -10.96
CA ARG A 87 3.66 21.09 -11.37
C ARG A 87 2.64 20.86 -10.26
N ASP A 88 2.81 21.50 -9.10
CA ASP A 88 1.81 21.29 -8.06
C ASP A 88 1.63 22.35 -6.98
N PRO A 89 0.64 23.24 -7.16
CA PRO A 89 0.37 24.30 -6.17
C PRO A 89 0.13 23.76 -4.76
N ALA A 90 -0.04 22.44 -4.63
CA ALA A 90 -0.25 21.83 -3.32
C ALA A 90 1.08 21.62 -2.54
N VAL A 91 2.20 21.75 -3.25
CA VAL A 91 3.56 21.60 -2.72
C VAL A 91 4.28 22.89 -3.09
N GLU A 92 4.85 23.59 -2.10
CA GLU A 92 5.52 24.87 -2.33
C GLU A 92 6.99 24.87 -1.94
N LEU A 93 7.38 23.95 -1.09
CA LEU A 93 8.78 23.90 -0.65
C LEU A 93 9.64 22.92 -1.46
N TRP A 94 10.89 23.32 -1.71
CA TRP A 94 11.81 22.49 -2.46
C TRP A 94 12.11 21.19 -1.72
N SER A 95 12.14 21.27 -0.41
CA SER A 95 12.44 20.14 0.46
C SER A 95 11.27 19.20 0.69
N THR A 96 10.06 19.63 0.37
CA THR A 96 8.93 18.76 0.61
C THR A 96 9.00 17.44 -0.19
N PRO A 97 9.34 17.52 -1.48
CA PRO A 97 9.41 16.25 -2.20
C PRO A 97 10.52 15.37 -1.62
N LEU A 98 11.70 15.95 -1.41
CA LEU A 98 12.83 15.19 -0.85
C LEU A 98 12.48 14.57 0.49
N LEU A 99 11.82 15.31 1.34
CA LEU A 99 11.51 14.77 2.65
C LEU A 99 10.32 13.86 2.85
N TYR A 100 9.18 14.20 2.23
CA TYR A 100 7.95 13.48 2.51
C TYR A 100 7.16 12.71 1.47
N LEU A 101 7.45 12.88 0.18
CA LEU A 101 6.63 12.22 -0.82
C LEU A 101 7.14 10.87 -1.28
N LYS A 102 6.40 9.84 -0.90
CA LYS A 102 6.82 8.50 -1.22
C LYS A 102 6.94 8.21 -2.69
N GLY A 103 6.18 8.93 -3.51
CA GLY A 103 6.26 8.70 -4.96
C GLY A 103 7.63 9.16 -5.44
N PHE A 104 8.07 10.29 -4.89
CA PHE A 104 9.37 10.81 -5.24
C PHE A 104 10.44 9.82 -4.78
N HIS A 105 10.30 9.32 -3.56
CA HIS A 105 11.29 8.38 -3.03
C HIS A 105 11.36 7.13 -3.90
N ALA A 106 10.19 6.63 -4.29
CA ALA A 106 10.11 5.44 -5.13
C ALA A 106 10.81 5.66 -6.47
N ILE A 107 10.65 6.85 -7.06
CA ILE A 107 11.30 7.13 -8.32
C ILE A 107 12.82 7.16 -8.18
N GLN A 108 13.33 7.96 -7.24
CA GLN A 108 14.76 8.01 -7.05
C GLN A 108 15.30 6.61 -6.69
N SER A 109 14.55 5.83 -5.90
CA SER A 109 15.03 4.49 -5.55
C SER A 109 15.13 3.65 -6.81
N TYR A 110 14.12 3.78 -7.67
CA TYR A 110 14.10 3.04 -8.92
C TYR A 110 15.36 3.34 -9.75
N ARG A 111 15.69 4.62 -9.87
CA ARG A 111 16.84 5.03 -10.66
C ARG A 111 18.08 4.22 -10.25
N ILE A 112 18.19 3.92 -8.96
CA ILE A 112 19.32 3.13 -8.50
C ILE A 112 19.16 1.72 -9.07
N THR A 113 17.98 1.11 -8.95
CA THR A 113 17.81 -0.22 -9.50
C THR A 113 18.06 -0.24 -11.01
N HIS A 114 17.64 0.81 -11.70
CA HIS A 114 17.78 0.87 -13.15
C HIS A 114 19.24 0.83 -13.57
N TYR A 115 20.08 1.55 -12.80
CA TYR A 115 21.51 1.58 -13.02
C TYR A 115 22.10 0.20 -12.75
N LEU A 116 21.74 -0.40 -11.61
CA LEU A 116 22.25 -1.74 -11.31
C LEU A 116 21.84 -2.70 -12.42
N TRP A 117 20.57 -2.65 -12.79
CA TRP A 117 20.09 -3.53 -13.85
C TRP A 117 21.00 -3.42 -15.06
N ASN A 118 21.36 -2.20 -15.43
CA ASN A 118 22.23 -1.99 -16.58
C ASN A 118 23.71 -2.37 -16.37
N GLN A 119 24.09 -2.64 -15.13
CA GLN A 119 25.46 -3.07 -14.81
C GLN A 119 25.38 -4.60 -14.69
N ASN A 120 24.22 -5.12 -15.01
CA ASN A 120 23.95 -6.55 -14.90
C ASN A 120 23.95 -7.05 -13.45
N ARG A 121 23.69 -6.18 -12.47
CA ARG A 121 23.64 -6.65 -11.08
C ARG A 121 22.15 -6.75 -10.85
N LYS A 122 21.55 -7.79 -11.43
CA LYS A 122 20.11 -7.94 -11.36
C LYS A 122 19.54 -8.40 -10.03
N SER A 123 20.30 -9.14 -9.25
CA SER A 123 19.72 -9.57 -8.00
C SER A 123 19.56 -8.34 -7.10
N LEU A 124 20.52 -7.44 -7.15
CA LEU A 124 20.44 -6.26 -6.33
C LEU A 124 19.30 -5.38 -6.82
N ALA A 125 19.12 -5.31 -8.14
CA ALA A 125 18.03 -4.51 -8.69
C ALA A 125 16.70 -5.10 -8.23
N LEU A 126 16.56 -6.42 -8.31
CA LEU A 126 15.31 -7.05 -7.91
C LEU A 126 15.02 -6.89 -6.43
N TYR A 127 16.04 -7.05 -5.60
CA TYR A 127 15.89 -6.91 -4.16
C TYR A 127 15.31 -5.52 -3.84
N LEU A 128 15.92 -4.49 -4.41
CA LEU A 128 15.48 -3.11 -4.18
C LEU A 128 14.10 -2.85 -4.80
N GLN A 129 13.90 -3.30 -6.03
CA GLN A 129 12.61 -3.12 -6.68
C GLN A 129 11.52 -3.53 -5.71
N ASN A 130 11.65 -4.73 -5.14
CA ASN A 130 10.64 -5.19 -4.23
C ASN A 130 10.62 -4.53 -2.83
N GLN A 131 11.76 -4.05 -2.35
CA GLN A 131 11.74 -3.33 -1.09
C GLN A 131 11.03 -1.98 -1.37
N ILE A 132 11.20 -1.45 -2.58
CA ILE A 132 10.55 -0.19 -2.95
C ILE A 132 9.02 -0.40 -2.89
N SER A 133 8.54 -1.57 -3.32
CA SER A 133 7.12 -1.92 -3.29
C SER A 133 6.58 -1.98 -1.84
N VAL A 134 7.37 -2.57 -0.96
CA VAL A 134 6.97 -2.68 0.42
C VAL A 134 6.97 -1.32 1.08
N ALA A 135 8.04 -0.56 0.89
CA ALA A 135 8.15 0.74 1.54
C ALA A 135 7.24 1.83 0.99
N PHE A 136 7.11 1.88 -0.32
CA PHE A 136 6.36 2.94 -0.93
C PHE A 136 5.10 2.53 -1.68
N ASP A 137 4.82 1.22 -1.76
CA ASP A 137 3.63 0.73 -2.47
C ASP A 137 3.67 1.08 -3.95
N VAL A 138 4.88 1.10 -4.50
CA VAL A 138 5.14 1.39 -5.90
C VAL A 138 6.04 0.25 -6.43
N ASP A 139 5.67 -0.29 -7.59
CA ASP A 139 6.42 -1.39 -8.19
C ASP A 139 6.80 -1.08 -9.64
N ILE A 140 8.07 -0.70 -9.81
CA ILE A 140 8.62 -0.35 -11.12
C ILE A 140 9.76 -1.30 -11.47
N HIS A 141 9.61 -2.03 -12.57
CA HIS A 141 10.66 -2.96 -12.98
C HIS A 141 11.92 -2.15 -13.25
N PRO A 142 13.09 -2.61 -12.76
CA PRO A 142 14.33 -1.87 -12.99
C PRO A 142 14.65 -1.60 -14.46
N ALA A 143 14.11 -2.43 -15.35
CA ALA A 143 14.39 -2.28 -16.77
C ALA A 143 13.57 -1.19 -17.43
N ALA A 144 12.56 -0.72 -16.73
CA ALA A 144 11.72 0.34 -17.27
C ALA A 144 12.59 1.56 -17.51
N LYS A 145 12.21 2.36 -18.50
CA LYS A 145 12.96 3.57 -18.81
C LYS A 145 12.10 4.77 -18.45
N ILE A 146 12.63 5.59 -17.55
CA ILE A 146 11.88 6.75 -17.07
C ILE A 146 12.75 8.00 -17.13
N GLY A 147 12.28 8.99 -17.85
CA GLY A 147 13.04 10.22 -17.96
C GLY A 147 12.93 11.04 -16.69
N HIS A 148 13.08 12.35 -16.83
CA HIS A 148 13.05 13.21 -15.67
C HIS A 148 11.89 14.20 -15.60
N GLY A 149 11.81 14.90 -14.48
CA GLY A 149 10.72 15.83 -14.24
C GLY A 149 9.50 14.95 -14.04
N ILE A 150 9.70 13.79 -13.46
CA ILE A 150 8.60 12.89 -13.23
C ILE A 150 7.92 13.14 -11.90
N MET A 151 6.60 13.05 -11.92
CA MET A 151 5.82 13.23 -10.71
C MET A 151 4.90 12.04 -10.44
N PHE A 152 5.13 11.35 -9.33
CA PHE A 152 4.26 10.23 -8.96
C PHE A 152 3.52 10.79 -7.74
N ASP A 153 2.38 11.40 -8.00
CA ASP A 153 1.56 12.02 -6.98
C ASP A 153 0.73 10.99 -6.21
N HIS A 154 0.97 10.94 -4.89
CA HIS A 154 0.31 10.03 -3.95
C HIS A 154 0.90 8.64 -4.13
N ALA A 155 1.09 8.23 -5.38
CA ALA A 155 1.77 6.98 -5.72
C ALA A 155 1.22 5.60 -5.42
N THR A 156 0.50 5.46 -4.32
CA THR A 156 -0.04 4.16 -3.95
C THR A 156 -0.57 3.34 -5.12
N GLY A 157 -0.15 2.08 -5.16
CA GLY A 157 -0.63 1.19 -6.19
C GLY A 157 -0.11 1.35 -7.61
N ILE A 158 0.88 2.22 -7.83
CA ILE A 158 1.45 2.38 -9.17
C ILE A 158 2.29 1.14 -9.53
N VAL A 159 2.09 0.63 -10.74
CA VAL A 159 2.82 -0.54 -11.24
C VAL A 159 3.33 -0.27 -12.68
N VAL A 160 4.64 -0.40 -12.89
CA VAL A 160 5.24 -0.16 -14.20
C VAL A 160 6.04 -1.36 -14.66
N GLY A 161 5.66 -1.89 -15.82
CA GLY A 161 6.31 -3.05 -16.39
C GLY A 161 7.71 -2.93 -16.96
N GLU A 162 8.32 -4.10 -17.11
CA GLU A 162 9.67 -4.26 -17.61
C GLU A 162 10.02 -3.51 -18.91
N THR A 163 9.09 -3.45 -19.87
CA THR A 163 9.36 -2.77 -21.14
C THR A 163 8.69 -1.41 -21.27
N SER A 164 8.26 -0.83 -20.15
CA SER A 164 7.62 0.48 -20.20
C SER A 164 8.65 1.60 -20.38
N VAL A 165 8.19 2.64 -21.05
CA VAL A 165 9.00 3.81 -21.31
C VAL A 165 8.19 5.01 -20.88
N ILE A 166 8.78 5.84 -20.02
CA ILE A 166 8.12 7.04 -19.58
C ILE A 166 9.10 8.18 -19.88
N GLU A 167 8.70 9.08 -20.77
CA GLU A 167 9.57 10.19 -21.14
C GLU A 167 9.52 11.29 -20.08
N ASN A 168 9.99 12.48 -20.45
CA ASN A 168 10.03 13.58 -19.52
C ASN A 168 8.75 14.27 -19.16
N ASP A 169 8.77 14.86 -17.99
CA ASP A 169 7.67 15.64 -17.49
C ASP A 169 6.32 14.97 -17.41
N VAL A 170 6.33 13.66 -17.19
CA VAL A 170 5.08 12.96 -17.09
C VAL A 170 4.63 12.94 -15.62
N SER A 171 3.32 12.90 -15.42
CA SER A 171 2.75 12.82 -14.09
C SER A 171 1.85 11.60 -14.05
N ILE A 172 2.00 10.81 -12.97
CA ILE A 172 1.23 9.61 -12.76
C ILE A 172 0.67 9.54 -11.35
N LEU A 173 -0.64 9.37 -11.27
CA LEU A 173 -1.36 9.29 -10.01
C LEU A 173 -1.51 7.87 -9.45
N GLN A 174 -2.03 7.80 -8.23
CA GLN A 174 -2.28 6.53 -7.56
C GLN A 174 -3.10 5.54 -8.40
N GLY A 175 -2.92 4.25 -8.15
CA GLY A 175 -3.65 3.22 -8.85
C GLY A 175 -3.36 3.01 -10.32
N VAL A 176 -2.35 3.70 -10.83
CA VAL A 176 -1.99 3.56 -12.24
C VAL A 176 -1.12 2.36 -12.56
N THR A 177 -1.46 1.68 -13.64
CA THR A 177 -0.67 0.55 -14.11
C THR A 177 -0.26 0.82 -15.56
N LEU A 178 0.99 0.54 -15.85
CA LEU A 178 1.52 0.64 -17.20
C LEU A 178 2.04 -0.77 -17.40
N GLY A 179 1.45 -1.48 -18.36
CA GLY A 179 1.88 -2.84 -18.62
C GLY A 179 1.27 -3.45 -19.87
N GLY A 180 1.08 -4.78 -19.80
CA GLY A 180 0.55 -5.56 -20.91
C GLY A 180 -0.84 -6.15 -20.69
N THR A 181 -1.46 -6.50 -21.81
CA THR A 181 -2.79 -7.08 -21.90
C THR A 181 -2.86 -8.55 -21.41
N HIS A 189 4.77 -3.33 -23.01
CA HIS A 189 4.28 -2.34 -22.07
C HIS A 189 4.20 -0.91 -22.71
N PRO A 190 3.35 -0.02 -22.15
CA PRO A 190 3.14 1.36 -22.61
C PRO A 190 4.38 2.17 -22.93
N LYS A 191 4.16 3.19 -23.76
CA LYS A 191 5.16 4.16 -24.17
C LYS A 191 4.46 5.48 -23.95
N VAL A 192 4.82 6.15 -22.85
CA VAL A 192 4.20 7.42 -22.48
C VAL A 192 5.15 8.57 -22.83
N ARG A 193 4.76 9.33 -23.84
CA ARG A 193 5.56 10.43 -24.35
C ARG A 193 5.58 11.61 -23.39
N GLU A 194 6.46 12.57 -23.66
CA GLU A 194 6.63 13.71 -22.77
C GLU A 194 5.37 14.48 -22.42
N GLY A 195 5.35 14.95 -21.17
CA GLY A 195 4.25 15.77 -20.69
C GLY A 195 2.95 15.06 -20.45
N VAL A 196 2.91 13.78 -20.75
CA VAL A 196 1.68 13.07 -20.56
C VAL A 196 1.36 12.90 -19.11
N MET A 197 0.58 11.87 -18.90
CA MET A 197 0.17 11.62 -17.57
C MET A 197 -0.71 10.37 -17.69
N ILE A 198 -1.13 9.87 -16.54
CA ILE A 198 -2.02 8.76 -16.47
C ILE A 198 -2.86 8.99 -15.19
N GLY A 199 -4.08 9.52 -15.37
CA GLY A 199 -4.98 9.78 -14.26
C GLY A 199 -5.13 8.61 -13.27
N ALA A 200 -5.57 8.91 -12.03
CA ALA A 200 -5.71 7.89 -10.99
C ALA A 200 -6.56 6.67 -11.36
N GLY A 201 -6.04 5.48 -11.06
CA GLY A 201 -6.78 4.25 -11.33
C GLY A 201 -6.77 3.78 -12.77
N ALA A 202 -6.15 4.54 -13.66
CA ALA A 202 -6.11 4.15 -15.05
C ALA A 202 -5.15 3.00 -15.25
N LYS A 203 -5.46 2.17 -16.23
CA LYS A 203 -4.63 1.03 -16.58
C LYS A 203 -4.33 1.12 -18.06
N ILE A 204 -3.06 1.31 -18.40
CA ILE A 204 -2.65 1.37 -19.79
C ILE A 204 -1.93 0.08 -20.12
N LEU A 205 -2.60 -0.73 -20.94
CA LEU A 205 -2.10 -2.05 -21.32
C LEU A 205 -1.82 -2.29 -22.81
N GLY A 206 -0.68 -2.93 -23.07
CA GLY A 206 -0.27 -3.26 -24.42
C GLY A 206 0.90 -2.44 -24.93
N ASN A 207 1.57 -2.95 -25.95
CA ASN A 207 2.69 -2.25 -26.56
C ASN A 207 2.01 -1.12 -27.36
N ILE A 208 1.56 -0.07 -26.66
CA ILE A 208 0.86 1.05 -27.31
C ILE A 208 1.42 2.41 -26.93
N GLU A 209 1.14 3.42 -27.75
CA GLU A 209 1.69 4.74 -27.48
C GLU A 209 0.76 5.83 -26.94
N VAL A 210 1.19 6.52 -25.90
CA VAL A 210 0.40 7.63 -25.36
C VAL A 210 1.12 8.93 -25.77
N GLY A 211 0.46 9.71 -26.64
CA GLY A 211 1.06 10.92 -27.17
C GLY A 211 1.48 12.05 -26.25
N LYS A 212 2.31 12.96 -26.74
CA LYS A 212 2.74 14.08 -25.91
C LYS A 212 1.54 14.85 -25.42
N TYR A 213 1.60 15.27 -24.16
CA TYR A 213 0.56 16.07 -23.51
C TYR A 213 -0.85 15.52 -23.55
N ALA A 214 -0.96 14.22 -23.70
CA ALA A 214 -2.26 13.57 -23.68
C ALA A 214 -2.66 13.50 -22.21
N LYS A 215 -3.94 13.26 -22.00
CA LYS A 215 -4.50 13.12 -20.67
C LYS A 215 -5.32 11.84 -20.64
N ILE A 216 -5.08 11.02 -19.61
CA ILE A 216 -5.80 9.78 -19.39
C ILE A 216 -6.73 9.98 -18.19
N GLY A 217 -8.00 9.66 -18.36
CA GLY A 217 -8.95 9.85 -17.29
C GLY A 217 -8.94 8.82 -16.20
N ALA A 218 -9.27 9.27 -14.99
CA ALA A 218 -9.33 8.40 -13.84
C ALA A 218 -10.10 7.13 -14.20
N ASN A 219 -9.56 6.00 -13.75
CA ASN A 219 -10.10 4.66 -14.00
C ASN A 219 -10.25 4.21 -15.45
N SER A 220 -9.62 4.91 -16.39
CA SER A 220 -9.66 4.54 -17.81
C SER A 220 -8.92 3.22 -18.03
N VAL A 221 -9.26 2.52 -19.11
CA VAL A 221 -8.58 1.30 -19.46
C VAL A 221 -8.17 1.47 -20.91
N VAL A 222 -6.96 1.98 -21.13
CA VAL A 222 -6.38 2.25 -22.45
C VAL A 222 -5.77 1.04 -23.15
N LEU A 223 -6.34 0.69 -24.31
CA LEU A 223 -5.94 -0.45 -25.14
C LEU A 223 -5.48 -0.04 -26.55
N ASN A 224 -5.79 1.19 -26.95
CA ASN A 224 -5.40 1.69 -28.28
C ASN A 224 -4.54 2.94 -28.14
N PRO A 225 -3.68 3.21 -29.13
CA PRO A 225 -2.85 4.41 -29.01
C PRO A 225 -3.68 5.67 -28.75
N VAL A 226 -3.07 6.65 -28.12
CA VAL A 226 -3.75 7.89 -27.80
C VAL A 226 -2.97 8.99 -28.47
N PRO A 227 -3.64 9.86 -29.25
CA PRO A 227 -3.04 10.98 -29.98
C PRO A 227 -2.49 12.10 -29.12
N GLU A 228 -1.54 12.84 -29.65
CA GLU A 228 -1.01 14.00 -28.94
C GLU A 228 -2.19 14.85 -28.54
N TYR A 229 -2.01 15.54 -27.41
CA TYR A 229 -2.99 16.43 -26.81
C TYR A 229 -4.41 15.86 -26.67
N ALA A 230 -4.54 14.57 -26.91
CA ALA A 230 -5.87 13.99 -26.79
C ALA A 230 -6.21 13.59 -25.34
N THR A 231 -7.50 13.48 -25.04
CA THR A 231 -7.99 13.08 -23.72
C THR A 231 -8.69 11.76 -23.86
N ALA A 232 -8.07 10.70 -23.34
CA ALA A 232 -8.66 9.37 -23.42
C ALA A 232 -9.31 9.06 -22.08
N ALA A 233 -10.51 8.53 -22.16
CA ALA A 233 -11.22 8.21 -20.95
C ALA A 233 -12.24 7.16 -21.26
N GLY A 234 -12.55 6.36 -20.26
CA GLY A 234 -13.52 5.31 -20.39
C GLY A 234 -12.92 3.93 -20.23
N VAL A 235 -13.81 2.98 -20.07
CA VAL A 235 -13.49 1.56 -19.91
C VAL A 235 -14.28 0.78 -20.98
N PRO A 236 -13.65 0.51 -22.14
CA PRO A 236 -12.29 0.89 -22.55
C PRO A 236 -12.19 2.38 -22.89
N ALA A 237 -10.96 2.89 -22.98
CA ALA A 237 -10.77 4.29 -23.24
C ALA A 237 -11.17 4.69 -24.66
N ARG A 238 -11.80 5.85 -24.75
CA ARG A 238 -12.27 6.44 -25.99
C ARG A 238 -11.78 7.88 -26.00
N ILE A 239 -11.46 8.41 -27.17
CA ILE A 239 -11.03 9.78 -27.27
C ILE A 239 -12.26 10.63 -26.96
N VAL A 240 -12.15 11.53 -25.99
CA VAL A 240 -13.28 12.35 -25.61
C VAL A 240 -12.97 13.83 -25.68
N MET B 1 -19.31 7.40 24.34
CA MET B 1 -18.62 7.80 25.62
C MET B 1 -17.34 6.96 25.61
N THR B 2 -16.27 7.56 26.09
CA THR B 2 -14.94 6.96 26.19
C THR B 2 -14.83 5.88 27.27
N LEU B 3 -15.31 6.20 28.46
CA LEU B 3 -15.18 5.28 29.57
C LEU B 3 -15.82 3.94 29.35
N ASP B 4 -16.94 3.91 28.62
CA ASP B 4 -17.58 2.61 28.40
C ASP B 4 -16.83 1.85 27.32
N VAL B 5 -16.47 2.54 26.24
CA VAL B 5 -15.74 1.87 25.18
C VAL B 5 -14.45 1.34 25.77
N TRP B 6 -13.77 2.18 26.54
CA TRP B 6 -12.50 1.78 27.13
C TRP B 6 -12.66 0.59 28.04
N GLN B 7 -13.69 0.61 28.86
CA GLN B 7 -13.90 -0.48 29.79
C GLN B 7 -14.24 -1.76 29.06
N HIS B 8 -15.03 -1.63 28.00
CA HIS B 8 -15.36 -2.80 27.22
C HIS B 8 -14.05 -3.32 26.62
N ILE B 9 -13.28 -2.41 26.05
CA ILE B 9 -12.01 -2.76 25.45
C ILE B 9 -11.11 -3.46 26.47
N ARG B 10 -11.01 -2.91 27.68
CA ARG B 10 -10.16 -3.54 28.72
C ARG B 10 -10.63 -4.96 29.10
N GLN B 11 -11.94 -5.12 29.30
CA GLN B 11 -12.47 -6.42 29.69
C GLN B 11 -12.19 -7.41 28.57
N GLU B 12 -12.25 -6.95 27.34
CA GLU B 12 -11.97 -7.82 26.22
C GLU B 12 -10.50 -8.24 26.23
N ALA B 13 -9.61 -7.26 26.32
CA ALA B 13 -8.18 -7.57 26.33
C ALA B 13 -7.77 -8.61 27.37
N LYS B 14 -8.39 -8.57 28.54
CA LYS B 14 -8.12 -9.54 29.61
C LYS B 14 -8.46 -10.96 29.21
N GLU B 15 -9.67 -11.15 28.70
CA GLU B 15 -10.11 -12.47 28.29
C GLU B 15 -9.27 -12.98 27.12
N LEU B 16 -9.01 -12.10 26.16
CA LEU B 16 -8.22 -12.45 24.96
C LEU B 16 -6.80 -12.86 25.31
N ALA B 17 -6.17 -12.10 26.20
CA ALA B 17 -4.80 -12.43 26.59
C ALA B 17 -4.87 -13.78 27.29
N GLU B 18 -5.93 -13.97 28.08
CA GLU B 18 -6.13 -15.22 28.80
C GLU B 18 -6.26 -16.42 27.85
N ASN B 19 -6.89 -16.19 26.71
CA ASN B 19 -7.09 -17.28 25.76
C ASN B 19 -6.03 -17.47 24.68
N GLU B 20 -5.11 -16.51 24.55
CA GLU B 20 -4.08 -16.63 23.53
C GLU B 20 -2.74 -16.20 24.12
N PRO B 21 -2.01 -17.17 24.71
CA PRO B 21 -0.71 -16.99 25.34
C PRO B 21 0.27 -16.23 24.49
N MET B 22 0.26 -16.51 23.20
CA MET B 22 1.20 -15.89 22.30
C MET B 22 1.00 -14.40 22.08
N LEU B 23 -0.19 -13.91 22.38
CA LEU B 23 -0.51 -12.51 22.16
C LEU B 23 -0.69 -11.74 23.46
N ALA B 24 -0.61 -12.45 24.58
CA ALA B 24 -0.76 -11.85 25.87
C ALA B 24 0.11 -10.59 26.04
N SER B 25 1.37 -10.64 25.60
CA SER B 25 2.23 -9.46 25.75
C SER B 25 1.70 -8.26 24.96
N PHE B 26 1.20 -8.56 23.77
CA PHE B 26 0.65 -7.55 22.87
C PHE B 26 -0.54 -6.88 23.53
N PHE B 27 -1.44 -7.67 24.09
CA PHE B 27 -2.63 -7.13 24.75
C PHE B 27 -2.28 -6.27 25.95
N HIS B 28 -1.29 -6.71 26.71
CA HIS B 28 -0.86 -5.98 27.89
C HIS B 28 -0.17 -4.66 27.53
N SER B 29 0.75 -4.66 26.55
CA SER B 29 1.45 -3.42 26.23
C SER B 29 0.62 -2.40 25.46
N THR B 30 -0.36 -2.89 24.68
CA THR B 30 -1.22 -1.99 23.92
C THR B 30 -2.38 -1.51 24.75
N ILE B 31 -2.98 -2.42 25.52
CA ILE B 31 -4.14 -1.99 26.29
C ILE B 31 -4.08 -2.03 27.80
N LEU B 32 -3.96 -3.25 28.33
CA LEU B 32 -3.97 -3.52 29.76
C LEU B 32 -3.10 -2.68 30.66
N LYS B 33 -1.91 -2.30 30.20
CA LYS B 33 -1.04 -1.48 31.03
C LYS B 33 -1.42 0.00 30.99
N HIS B 34 -2.38 0.38 30.15
CA HIS B 34 -2.76 1.80 30.08
C HIS B 34 -3.99 2.09 30.93
N GLN B 35 -4.19 3.37 31.25
CA GLN B 35 -5.31 3.73 32.10
C GLN B 35 -6.49 4.28 31.33
N ASN B 36 -6.25 4.80 30.13
CA ASN B 36 -7.33 5.37 29.32
C ASN B 36 -7.11 5.15 27.81
N LEU B 37 -8.13 5.46 27.02
CA LEU B 37 -8.04 5.28 25.57
C LEU B 37 -6.88 6.03 24.97
N GLY B 38 -6.68 7.26 25.47
CA GLY B 38 -5.60 8.09 24.99
C GLY B 38 -4.23 7.42 25.03
N GLY B 39 -3.91 6.82 26.17
CA GLY B 39 -2.63 6.17 26.33
C GLY B 39 -2.46 4.93 25.46
N ALA B 40 -3.54 4.17 25.29
CA ALA B 40 -3.45 2.99 24.46
C ALA B 40 -3.24 3.42 23.02
N LEU B 41 -4.03 4.40 22.56
CA LEU B 41 -3.94 4.86 21.18
C LEU B 41 -2.64 5.51 20.84
N SER B 42 -2.15 6.39 21.70
CA SER B 42 -0.89 7.05 21.40
C SER B 42 0.22 6.01 21.41
N TYR B 43 0.08 4.99 22.22
CA TYR B 43 1.09 3.94 22.25
C TYR B 43 1.10 3.18 20.89
N LEU B 44 -0.08 2.74 20.44
CA LEU B 44 -0.23 2.02 19.17
C LEU B 44 0.20 2.87 17.96
N LEU B 45 -0.33 4.08 17.85
CA LEU B 45 -0.01 4.94 16.71
C LEU B 45 1.49 5.31 16.64
N ALA B 46 2.13 5.61 17.78
CA ALA B 46 3.55 5.93 17.77
C ALA B 46 4.36 4.71 17.27
N ASN B 47 4.03 3.52 17.76
CA ASN B 47 4.71 2.31 17.33
C ASN B 47 4.44 2.01 15.86
N LYS B 48 3.22 2.22 15.38
CA LYS B 48 2.95 1.94 13.98
C LYS B 48 3.57 2.97 13.01
N LEU B 49 3.77 4.20 13.48
CA LEU B 49 4.36 5.24 12.63
C LEU B 49 5.88 5.38 12.81
N ALA B 50 6.44 4.68 13.78
CA ALA B 50 7.86 4.76 14.06
C ALA B 50 8.76 4.33 12.88
N ASN B 51 9.92 4.97 12.78
CA ASN B 51 10.94 4.61 11.78
C ASN B 51 12.29 4.89 12.42
N PRO B 52 13.38 4.40 11.82
CA PRO B 52 14.72 4.64 12.39
C PRO B 52 15.00 6.11 12.70
N ILE B 53 14.55 7.03 11.85
CA ILE B 53 14.82 8.44 12.13
C ILE B 53 13.97 9.03 13.28
N MET B 54 12.69 8.66 13.34
CA MET B 54 11.79 9.12 14.39
C MET B 54 11.20 7.87 15.07
N PRO B 55 11.86 7.36 16.13
CA PRO B 55 11.42 6.18 16.88
C PRO B 55 10.09 6.41 17.56
N ALA B 56 9.45 5.31 17.98
CA ALA B 56 8.17 5.39 18.64
C ALA B 56 8.18 6.38 19.81
N ILE B 57 9.23 6.31 20.62
CA ILE B 57 9.33 7.19 21.78
C ILE B 57 9.19 8.67 21.41
N SER B 58 9.83 9.08 20.32
CA SER B 58 9.74 10.47 19.90
C SER B 58 8.39 10.82 19.27
N LEU B 59 7.81 9.91 18.49
CA LEU B 59 6.51 10.24 17.92
C LEU B 59 5.46 10.27 19.03
N ARG B 60 5.62 9.47 20.09
CA ARG B 60 4.60 9.50 21.14
C ARG B 60 4.50 10.85 21.85
N GLU B 61 5.62 11.56 21.97
CA GLU B 61 5.61 12.89 22.59
C GLU B 61 4.71 13.83 21.81
N ILE B 62 4.81 13.77 20.48
CA ILE B 62 3.99 14.60 19.60
C ILE B 62 2.55 14.21 19.78
N ILE B 63 2.27 12.92 19.72
CA ILE B 63 0.90 12.52 19.85
C ILE B 63 0.32 12.95 21.20
N GLU B 64 1.09 12.75 22.27
CA GLU B 64 0.65 13.13 23.61
C GLU B 64 0.36 14.61 23.73
N GLU B 65 1.22 15.44 23.17
CA GLU B 65 1.01 16.87 23.26
C GLU B 65 -0.32 17.24 22.62
N ALA B 66 -0.62 16.62 21.49
CA ALA B 66 -1.87 16.89 20.76
C ALA B 66 -3.05 16.40 21.58
N TYR B 67 -2.91 15.27 22.25
CA TYR B 67 -4.02 14.74 23.04
C TYR B 67 -4.27 15.60 24.29
N GLN B 68 -3.19 16.09 24.87
CA GLN B 68 -3.29 16.90 26.08
C GLN B 68 -3.84 18.27 25.69
N SER B 69 -3.55 18.70 24.48
CA SER B 69 -4.00 20.01 24.05
C SER B 69 -5.46 20.02 23.59
N ASN B 70 -5.87 19.01 22.83
CA ASN B 70 -7.22 18.89 22.31
C ASN B 70 -7.76 17.48 22.61
N PRO B 71 -8.24 17.25 23.83
CA PRO B 71 -8.80 16.00 24.36
C PRO B 71 -9.96 15.44 23.56
N SER B 72 -10.66 16.29 22.82
CA SER B 72 -11.79 15.77 22.09
C SER B 72 -11.38 14.87 20.95
N ILE B 73 -10.08 14.85 20.64
CA ILE B 73 -9.60 14.01 19.54
C ILE B 73 -9.82 12.57 19.89
N ILE B 74 -9.53 12.22 21.13
CA ILE B 74 -9.70 10.87 21.60
C ILE B 74 -11.16 10.46 21.52
N ASP B 75 -12.04 11.45 21.65
CA ASP B 75 -13.47 11.20 21.58
C ASP B 75 -13.88 10.66 20.23
N CYS B 76 -13.47 11.39 19.20
CA CYS B 76 -13.78 11.06 17.81
C CYS B 76 -13.37 9.61 17.54
N ALA B 77 -12.25 9.22 18.16
CA ALA B 77 -11.74 7.87 18.04
C ALA B 77 -12.76 6.90 18.64
N ALA B 78 -13.23 7.23 19.85
CA ALA B 78 -14.20 6.39 20.52
C ALA B 78 -15.44 6.28 19.62
N CYS B 79 -15.87 7.38 19.03
CA CYS B 79 -17.01 7.29 18.13
C CYS B 79 -16.73 6.43 16.90
N ASP B 80 -15.48 6.39 16.44
CA ASP B 80 -15.15 5.59 15.27
C ASP B 80 -15.11 4.11 15.60
N ILE B 81 -14.69 3.75 16.82
CA ILE B 81 -14.68 2.33 17.14
C ILE B 81 -16.13 1.88 17.09
N GLN B 82 -17.00 2.70 17.67
CA GLN B 82 -18.43 2.41 17.74
C GLN B 82 -19.07 2.13 16.40
N ALA B 83 -18.74 2.97 15.42
CA ALA B 83 -19.29 2.87 14.08
C ALA B 83 -18.89 1.57 13.44
N VAL B 84 -17.57 1.40 13.35
CA VAL B 84 -17.00 0.24 12.73
C VAL B 84 -17.60 -1.01 13.31
N ARG B 85 -17.63 -1.10 14.64
CA ARG B 85 -18.17 -2.25 15.31
C ARG B 85 -19.56 -2.60 14.82
N HIS B 86 -20.47 -1.66 14.94
CA HIS B 86 -21.84 -1.89 14.50
C HIS B 86 -21.98 -1.92 12.95
N ARG B 87 -21.56 -0.86 12.28
CA ARG B 87 -21.70 -0.82 10.82
C ARG B 87 -20.96 -1.90 10.02
N ASP B 88 -20.43 -2.93 10.69
CA ASP B 88 -19.74 -3.99 9.96
C ASP B 88 -19.79 -5.31 10.75
N PRO B 89 -21.00 -5.92 10.84
CA PRO B 89 -21.29 -7.18 11.55
C PRO B 89 -20.07 -8.06 11.71
N ALA B 90 -19.21 -8.06 10.68
CA ALA B 90 -17.99 -8.86 10.68
C ALA B 90 -17.21 -8.54 11.97
N VAL B 91 -16.98 -7.24 12.20
CA VAL B 91 -16.29 -6.78 13.42
C VAL B 91 -17.20 -7.05 14.57
N GLU B 92 -16.75 -7.86 15.54
CA GLU B 92 -17.57 -8.16 16.71
C GLU B 92 -16.82 -8.04 18.04
N LEU B 93 -16.00 -6.99 18.18
CA LEU B 93 -15.26 -6.75 19.43
C LEU B 93 -14.92 -5.28 19.42
N TRP B 94 -15.05 -4.62 20.57
CA TRP B 94 -14.73 -3.20 20.63
C TRP B 94 -13.26 -2.92 20.33
N SER B 95 -12.39 -3.81 20.79
CA SER B 95 -10.95 -3.67 20.63
C SER B 95 -10.35 -3.95 19.23
N THR B 96 -11.10 -4.60 18.35
CA THR B 96 -10.55 -4.87 17.04
C THR B 96 -10.18 -3.61 16.26
N PRO B 97 -11.10 -2.65 16.16
CA PRO B 97 -10.73 -1.45 15.42
C PRO B 97 -9.49 -0.77 16.03
N LEU B 98 -9.44 -0.72 17.35
CA LEU B 98 -8.31 -0.08 18.01
C LEU B 98 -7.00 -0.79 17.71
N LEU B 99 -7.01 -2.10 17.85
CA LEU B 99 -5.84 -2.92 17.64
C LEU B 99 -5.44 -3.28 16.20
N TYR B 100 -6.41 -3.70 15.40
CA TYR B 100 -6.11 -4.17 14.05
C TYR B 100 -6.43 -3.45 12.76
N LEU B 101 -7.43 -2.58 12.73
CA LEU B 101 -7.76 -1.93 11.45
C LEU B 101 -6.91 -0.72 11.06
N LYS B 102 -6.13 -0.84 9.98
CA LYS B 102 -5.27 0.29 9.59
C LYS B 102 -6.05 1.52 9.10
N GLY B 103 -7.29 1.30 8.63
CA GLY B 103 -8.10 2.41 8.17
C GLY B 103 -8.43 3.25 9.40
N PHE B 104 -8.84 2.57 10.46
CA PHE B 104 -9.14 3.25 11.73
C PHE B 104 -7.85 3.95 12.18
N HIS B 105 -6.73 3.25 12.16
CA HIS B 105 -5.48 3.88 12.60
C HIS B 105 -5.17 5.13 11.79
N ALA B 106 -5.31 5.03 10.49
CA ALA B 106 -4.99 6.15 9.61
C ALA B 106 -5.89 7.36 9.88
N ILE B 107 -7.14 7.13 10.23
CA ILE B 107 -8.02 8.27 10.50
C ILE B 107 -7.59 8.97 11.80
N GLN B 108 -7.36 8.19 12.86
CA GLN B 108 -6.93 8.78 14.13
C GLN B 108 -5.56 9.47 14.00
N SER B 109 -4.67 8.91 13.18
CA SER B 109 -3.38 9.55 13.00
C SER B 109 -3.71 10.88 12.30
N TYR B 110 -4.64 10.81 11.35
CA TYR B 110 -5.05 12.01 10.61
C TYR B 110 -5.62 13.13 11.51
N ARG B 111 -6.46 12.78 12.47
CA ARG B 111 -7.04 13.79 13.34
C ARG B 111 -5.92 14.55 14.06
N ILE B 112 -4.80 13.86 14.32
CA ILE B 112 -3.66 14.49 14.96
C ILE B 112 -3.04 15.50 13.99
N THR B 113 -2.85 15.09 12.74
CA THR B 113 -2.28 16.00 11.77
C THR B 113 -3.21 17.19 11.53
N HIS B 114 -4.52 16.96 11.53
CA HIS B 114 -5.50 18.04 11.29
C HIS B 114 -5.38 19.14 12.36
N TYR B 115 -5.18 18.70 13.60
CA TYR B 115 -5.02 19.60 14.72
C TYR B 115 -3.73 20.40 14.55
N LEU B 116 -2.65 19.70 14.20
CA LEU B 116 -1.35 20.35 14.02
C LEU B 116 -1.45 21.38 12.92
N TRP B 117 -2.17 21.07 11.85
CA TRP B 117 -2.32 22.00 10.76
C TRP B 117 -3.14 23.20 11.23
N ASN B 118 -4.17 22.96 12.03
CA ASN B 118 -4.96 24.05 12.57
C ASN B 118 -4.15 24.88 13.59
N GLN B 119 -3.00 24.38 14.03
CA GLN B 119 -2.20 25.15 14.97
C GLN B 119 -0.99 25.73 14.24
N ASN B 120 -1.05 25.67 12.93
CA ASN B 120 0.01 26.21 12.09
C ASN B 120 1.35 25.48 12.22
N ARG B 121 1.29 24.19 12.51
CA ARG B 121 2.50 23.37 12.66
C ARG B 121 2.44 22.43 11.48
N LYS B 122 2.64 23.01 10.30
CA LYS B 122 2.55 22.30 9.05
C LYS B 122 3.63 21.29 8.68
N SER B 123 4.87 21.60 9.03
CA SER B 123 5.94 20.67 8.72
C SER B 123 5.70 19.38 9.50
N LEU B 124 5.14 19.52 10.68
CA LEU B 124 4.86 18.34 11.50
C LEU B 124 3.64 17.62 10.91
N ALA B 125 2.67 18.41 10.48
CA ALA B 125 1.46 17.88 9.87
C ALA B 125 1.82 17.10 8.59
N LEU B 126 2.69 17.69 7.78
CA LEU B 126 3.11 17.10 6.53
C LEU B 126 3.90 15.80 6.79
N TYR B 127 4.85 15.84 7.72
CA TYR B 127 5.64 14.65 8.05
C TYR B 127 4.69 13.48 8.37
N LEU B 128 3.78 13.70 9.29
CA LEU B 128 2.84 12.65 9.70
C LEU B 128 1.96 12.17 8.57
N GLN B 129 1.40 13.10 7.80
CA GLN B 129 0.54 12.71 6.70
C GLN B 129 1.27 11.65 5.88
N ASN B 130 2.51 11.95 5.56
CA ASN B 130 3.25 11.03 4.72
C ASN B 130 3.69 9.75 5.43
N GLN B 131 3.96 9.83 6.71
CA GLN B 131 4.31 8.62 7.42
C GLN B 131 3.03 7.75 7.49
N ILE B 132 1.87 8.38 7.57
CA ILE B 132 0.61 7.68 7.59
C ILE B 132 0.44 6.94 6.26
N SER B 133 0.82 7.59 5.17
CA SER B 133 0.72 6.98 3.86
C SER B 133 1.66 5.78 3.74
N VAL B 134 2.83 5.86 4.40
CA VAL B 134 3.76 4.74 4.35
C VAL B 134 3.20 3.56 5.15
N ALA B 135 2.83 3.82 6.40
CA ALA B 135 2.33 2.79 7.31
C ALA B 135 1.07 2.06 6.94
N PHE B 136 0.04 2.86 6.65
CA PHE B 136 -1.29 2.38 6.36
C PHE B 136 -1.74 2.49 4.91
N ASP B 137 -0.91 3.11 4.08
CA ASP B 137 -1.22 3.32 2.68
C ASP B 137 -2.50 4.10 2.48
N VAL B 138 -2.70 5.09 3.33
CA VAL B 138 -3.85 5.99 3.28
C VAL B 138 -3.21 7.37 3.26
N ASP B 139 -3.60 8.20 2.30
CA ASP B 139 -3.03 9.54 2.19
C ASP B 139 -4.14 10.58 2.35
N ILE B 140 -4.22 11.20 3.52
CA ILE B 140 -5.25 12.21 3.79
C ILE B 140 -4.56 13.55 4.06
N HIS B 141 -4.79 14.52 3.20
CA HIS B 141 -4.17 15.82 3.40
C HIS B 141 -4.64 16.32 4.76
N PRO B 142 -3.78 17.05 5.47
CA PRO B 142 -4.13 17.56 6.81
C PRO B 142 -5.27 18.59 6.89
N ALA B 143 -5.50 19.35 5.82
CA ALA B 143 -6.56 20.37 5.80
C ALA B 143 -7.92 19.77 5.44
N ALA B 144 -7.96 18.47 5.18
CA ALA B 144 -9.23 17.83 4.87
C ALA B 144 -10.04 17.84 6.16
N LYS B 145 -11.35 18.08 6.05
CA LYS B 145 -12.21 18.11 7.24
C LYS B 145 -12.98 16.81 7.28
N ILE B 146 -12.88 16.09 8.38
CA ILE B 146 -13.53 14.81 8.53
C ILE B 146 -14.27 14.71 9.85
N GLY B 147 -15.51 14.26 9.75
CA GLY B 147 -16.36 14.10 10.93
C GLY B 147 -16.01 12.84 11.67
N HIS B 148 -16.97 12.39 12.48
CA HIS B 148 -16.81 11.21 13.30
C HIS B 148 -17.75 10.12 12.84
N GLY B 149 -17.56 8.91 13.36
CA GLY B 149 -18.39 7.79 12.94
C GLY B 149 -17.92 7.30 11.57
N ILE B 150 -16.66 7.59 11.25
CA ILE B 150 -16.04 7.23 9.98
C ILE B 150 -15.48 5.81 9.88
N MET B 151 -15.68 5.18 8.74
CA MET B 151 -15.18 3.82 8.52
C MET B 151 -14.37 3.67 7.22
N PHE B 152 -13.08 3.38 7.37
CA PHE B 152 -12.21 3.15 6.21
C PHE B 152 -11.91 1.66 6.26
N ASP B 153 -12.81 0.89 5.68
CA ASP B 153 -12.67 -0.55 5.66
C ASP B 153 -11.62 -0.98 4.66
N HIS B 154 -10.63 -1.76 5.11
CA HIS B 154 -9.53 -2.24 4.28
C HIS B 154 -8.60 -1.05 4.04
N ALA B 155 -9.11 0.03 3.45
CA ALA B 155 -8.37 1.29 3.34
C ALA B 155 -7.20 1.47 2.36
N THR B 156 -6.61 0.39 1.90
CA THR B 156 -5.50 0.47 0.97
C THR B 156 -5.78 1.38 -0.22
N GLY B 157 -4.88 2.32 -0.46
CA GLY B 157 -5.00 3.22 -1.59
C GLY B 157 -5.95 4.40 -1.49
N ILE B 158 -6.49 4.65 -0.29
CA ILE B 158 -7.40 5.78 -0.13
C ILE B 158 -6.59 7.07 -0.19
N VAL B 159 -7.12 8.06 -0.91
CA VAL B 159 -6.51 9.38 -1.07
C VAL B 159 -7.59 10.48 -0.93
N VAL B 160 -7.38 11.37 0.05
CA VAL B 160 -8.31 12.44 0.32
C VAL B 160 -7.66 13.80 0.13
N GLY B 161 -8.20 14.57 -0.82
CA GLY B 161 -7.64 15.87 -1.12
C GLY B 161 -7.79 16.94 -0.05
N GLU B 162 -6.92 17.94 -0.16
CA GLU B 162 -6.87 19.07 0.75
C GLU B 162 -8.18 19.77 1.09
N THR B 163 -9.05 20.03 0.10
CA THR B 163 -10.28 20.72 0.45
C THR B 163 -11.48 19.79 0.58
N SER B 164 -11.22 18.53 0.86
CA SER B 164 -12.31 17.57 0.98
C SER B 164 -12.98 17.72 2.34
N VAL B 165 -14.23 17.28 2.44
CA VAL B 165 -14.91 17.28 3.71
C VAL B 165 -15.60 15.92 3.72
N ILE B 166 -15.78 15.35 4.90
CA ILE B 166 -16.43 14.06 5.06
C ILE B 166 -17.18 14.24 6.37
N GLU B 167 -18.51 14.20 6.29
CA GLU B 167 -19.37 14.35 7.45
C GLU B 167 -19.45 13.02 8.18
N ASN B 168 -20.30 12.95 9.20
CA ASN B 168 -20.44 11.76 10.01
C ASN B 168 -20.99 10.50 9.35
N ASP B 169 -20.63 9.36 9.94
CA ASP B 169 -21.10 8.07 9.50
C ASP B 169 -20.83 7.69 8.07
N VAL B 170 -19.74 8.21 7.51
CA VAL B 170 -19.39 7.88 6.13
C VAL B 170 -18.46 6.68 6.13
N SER B 171 -18.66 5.80 5.16
CA SER B 171 -17.84 4.59 5.00
C SER B 171 -17.16 4.67 3.64
N ILE B 172 -15.84 4.49 3.64
CA ILE B 172 -15.05 4.56 2.43
C ILE B 172 -14.23 3.27 2.32
N LEU B 173 -14.29 2.64 1.16
CA LEU B 173 -13.55 1.39 0.94
C LEU B 173 -12.21 1.60 0.25
N GLN B 174 -11.48 0.50 0.02
CA GLN B 174 -10.18 0.52 -0.64
C GLN B 174 -10.12 1.20 -2.03
N GLY B 175 -8.99 1.83 -2.36
CA GLY B 175 -8.81 2.46 -3.65
C GLY B 175 -9.67 3.67 -4.01
N VAL B 176 -10.29 4.27 -3.01
CA VAL B 176 -11.13 5.43 -3.23
C VAL B 176 -10.34 6.72 -3.17
N THR B 177 -10.56 7.58 -4.15
CA THR B 177 -9.93 8.88 -4.23
C THR B 177 -10.96 10.01 -4.17
N LEU B 178 -10.73 10.95 -3.25
CA LEU B 178 -11.57 12.13 -3.14
C LEU B 178 -10.56 13.17 -3.55
N GLY B 179 -10.68 13.65 -4.78
CA GLY B 179 -9.72 14.61 -5.26
C GLY B 179 -10.25 15.51 -6.36
N GLY B 180 -9.33 16.08 -7.14
CA GLY B 180 -9.74 17.01 -8.17
C GLY B 180 -9.67 16.52 -9.60
N THR B 181 -10.25 17.30 -10.49
CA THR B 181 -10.23 16.96 -11.90
C THR B 181 -8.95 17.53 -12.48
N ASP B 187 -11.15 25.61 -3.52
CA ASP B 187 -11.93 24.41 -3.18
C ASP B 187 -11.92 23.67 -4.49
N ARG B 188 -11.37 22.44 -4.49
CA ARG B 188 -11.28 21.62 -5.70
C ARG B 188 -11.61 20.16 -5.42
N HIS B 189 -12.06 19.86 -4.20
CA HIS B 189 -12.37 18.46 -3.88
C HIS B 189 -13.78 18.23 -3.38
N PRO B 190 -14.22 16.97 -3.41
CA PRO B 190 -15.56 16.51 -2.99
C PRO B 190 -16.01 16.88 -1.57
N LYS B 191 -17.34 16.93 -1.40
CA LYS B 191 -17.98 17.21 -0.12
C LYS B 191 -18.90 16.03 0.13
N VAL B 192 -18.48 15.10 0.99
CA VAL B 192 -19.27 13.91 1.26
C VAL B 192 -20.12 14.05 2.53
N ARG B 193 -21.44 14.11 2.33
CA ARG B 193 -22.39 14.27 3.41
C ARG B 193 -22.55 12.99 4.22
N GLU B 194 -23.26 13.09 5.32
CA GLU B 194 -23.41 11.92 6.17
C GLU B 194 -24.04 10.69 5.55
N GLY B 195 -23.71 9.56 6.15
CA GLY B 195 -24.25 8.29 5.71
C GLY B 195 -23.83 7.79 4.34
N VAL B 196 -23.01 8.53 3.61
CA VAL B 196 -22.59 8.07 2.29
C VAL B 196 -21.72 6.81 2.35
N MET B 197 -21.96 5.89 1.42
CA MET B 197 -21.17 4.66 1.33
C MET B 197 -20.46 4.75 -0.01
N ILE B 198 -19.13 4.69 -0.01
CA ILE B 198 -18.37 4.76 -1.26
C ILE B 198 -17.73 3.40 -1.55
N GLY B 199 -18.05 2.85 -2.73
CA GLY B 199 -17.48 1.57 -3.10
C GLY B 199 -16.01 1.59 -3.50
N ALA B 200 -15.39 0.41 -3.45
CA ALA B 200 -13.99 0.25 -3.77
C ALA B 200 -13.59 0.72 -5.16
N GLY B 201 -12.45 1.39 -5.23
CA GLY B 201 -11.97 1.89 -6.51
C GLY B 201 -12.57 3.21 -7.00
N ALA B 202 -13.66 3.67 -6.39
CA ALA B 202 -14.31 4.91 -6.84
C ALA B 202 -13.41 6.15 -6.77
N LYS B 203 -13.48 6.92 -7.83
CA LYS B 203 -12.73 8.15 -7.97
C LYS B 203 -13.76 9.28 -8.03
N ILE B 204 -13.82 10.10 -6.98
CA ILE B 204 -14.76 11.21 -6.93
C ILE B 204 -14.00 12.49 -7.17
N LEU B 205 -14.19 13.11 -8.34
CA LEU B 205 -13.42 14.31 -8.70
C LEU B 205 -14.14 15.65 -8.71
N GLY B 206 -13.44 16.67 -8.19
CA GLY B 206 -13.95 18.04 -8.16
C GLY B 206 -14.67 18.49 -6.88
N ASN B 207 -14.96 19.79 -6.78
CA ASN B 207 -15.68 20.36 -5.64
C ASN B 207 -17.16 20.09 -5.97
N ILE B 208 -17.57 18.83 -5.81
CA ILE B 208 -18.94 18.44 -6.09
C ILE B 208 -19.55 17.80 -4.84
N GLU B 209 -20.87 17.95 -4.72
CA GLU B 209 -21.63 17.43 -3.61
C GLU B 209 -22.05 15.98 -3.79
N VAL B 210 -21.85 15.19 -2.74
CA VAL B 210 -22.28 13.79 -2.74
C VAL B 210 -23.28 13.80 -1.58
N GLY B 211 -24.56 13.92 -1.90
CA GLY B 211 -25.61 14.00 -0.89
C GLY B 211 -25.68 12.90 0.15
N LYS B 212 -26.22 13.26 1.31
CA LYS B 212 -26.33 12.33 2.39
C LYS B 212 -26.97 11.01 1.98
N TYR B 213 -26.42 9.95 2.57
CA TYR B 213 -26.83 8.57 2.40
C TYR B 213 -26.84 8.03 0.97
N ALA B 214 -26.09 8.71 0.11
CA ALA B 214 -25.97 8.27 -1.27
C ALA B 214 -25.04 7.05 -1.27
N LYS B 215 -25.07 6.29 -2.37
CA LYS B 215 -24.25 5.12 -2.55
C LYS B 215 -23.47 5.29 -3.85
N ILE B 216 -22.17 5.03 -3.78
CA ILE B 216 -21.30 5.14 -4.92
C ILE B 216 -20.79 3.77 -5.31
N GLY B 217 -21.05 3.36 -6.55
CA GLY B 217 -20.60 2.03 -6.97
C GLY B 217 -19.07 1.91 -7.10
N ALA B 218 -18.60 0.68 -6.91
CA ALA B 218 -17.18 0.35 -7.03
C ALA B 218 -16.70 0.79 -8.42
N ASN B 219 -15.49 1.35 -8.48
CA ASN B 219 -14.87 1.83 -9.72
C ASN B 219 -15.57 3.00 -10.46
N SER B 220 -16.63 3.55 -9.88
CA SER B 220 -17.26 4.69 -10.52
C SER B 220 -16.29 5.87 -10.54
N VAL B 221 -16.60 6.84 -11.39
CA VAL B 221 -15.84 8.08 -11.52
C VAL B 221 -16.92 9.15 -11.47
N VAL B 222 -17.01 9.79 -10.31
CA VAL B 222 -18.03 10.80 -10.07
C VAL B 222 -17.56 12.20 -10.42
N LEU B 223 -18.25 12.79 -11.40
CA LEU B 223 -17.90 14.10 -11.90
C LEU B 223 -18.97 15.14 -11.64
N ASN B 224 -20.23 14.74 -11.59
CA ASN B 224 -21.27 15.71 -11.29
C ASN B 224 -21.87 15.38 -9.94
N PRO B 225 -22.55 16.37 -9.32
CA PRO B 225 -23.14 16.15 -8.01
C PRO B 225 -24.01 14.91 -7.96
N VAL B 226 -24.09 14.28 -6.79
CA VAL B 226 -24.94 13.10 -6.63
C VAL B 226 -26.04 13.46 -5.64
N PRO B 227 -27.28 13.09 -5.96
CA PRO B 227 -28.42 13.40 -5.09
C PRO B 227 -28.50 12.59 -3.82
N GLU B 228 -28.92 13.25 -2.75
CA GLU B 228 -29.07 12.58 -1.47
C GLU B 228 -29.80 11.25 -1.68
N TYR B 229 -29.55 10.27 -0.83
CA TYR B 229 -30.20 8.97 -0.94
C TYR B 229 -30.06 8.29 -2.31
N ALA B 230 -29.38 8.92 -3.27
CA ALA B 230 -29.25 8.30 -4.59
C ALA B 230 -28.12 7.28 -4.65
N THR B 231 -27.96 6.69 -5.83
CA THR B 231 -26.91 5.69 -6.11
C THR B 231 -26.25 6.03 -7.43
N ALA B 232 -24.96 6.29 -7.37
CA ALA B 232 -24.24 6.64 -8.57
C ALA B 232 -23.26 5.51 -8.87
N ALA B 233 -23.28 5.06 -10.13
CA ALA B 233 -22.39 3.99 -10.60
C ALA B 233 -22.06 4.21 -12.07
N GLY B 234 -20.84 3.82 -12.46
CA GLY B 234 -20.40 3.95 -13.83
C GLY B 234 -19.20 4.86 -14.01
N VAL B 235 -18.62 4.82 -15.20
CA VAL B 235 -17.48 5.65 -15.59
C VAL B 235 -17.80 6.42 -16.89
N PRO B 236 -18.34 7.64 -16.79
CA PRO B 236 -18.70 8.50 -15.68
C PRO B 236 -19.89 7.88 -14.94
N ALA B 237 -20.11 8.37 -13.73
CA ALA B 237 -21.19 7.90 -12.89
C ALA B 237 -22.49 8.57 -13.29
N ARG B 238 -23.53 7.76 -13.43
CA ARG B 238 -24.86 8.27 -13.76
C ARG B 238 -25.67 7.74 -12.60
N ILE B 239 -26.93 8.15 -12.48
CA ILE B 239 -27.76 7.65 -11.38
C ILE B 239 -28.51 6.39 -11.76
N VAL B 240 -28.48 5.38 -10.90
CA VAL B 240 -29.18 4.15 -11.23
C VAL B 240 -30.03 3.62 -10.09
N MET C 1 8.34 -32.03 -4.92
CA MET C 1 8.78 -32.25 -3.51
C MET C 1 9.16 -30.89 -2.92
N THR C 2 9.07 -30.77 -1.61
CA THR C 2 9.43 -29.51 -0.97
C THR C 2 10.95 -29.52 -1.04
N LEU C 3 11.50 -30.73 -1.03
CA LEU C 3 12.92 -30.89 -1.07
C LEU C 3 13.57 -30.65 -2.43
N ASP C 4 12.79 -30.57 -3.51
CA ASP C 4 13.38 -30.35 -4.85
C ASP C 4 13.40 -28.87 -5.21
N VAL C 5 12.35 -28.18 -4.78
CA VAL C 5 12.21 -26.76 -5.00
C VAL C 5 13.28 -26.15 -4.09
N TRP C 6 13.40 -26.75 -2.91
CA TRP C 6 14.36 -26.26 -1.94
C TRP C 6 15.75 -26.47 -2.49
N GLN C 7 15.95 -27.54 -3.27
CA GLN C 7 17.28 -27.82 -3.82
C GLN C 7 17.69 -26.82 -4.86
N HIS C 8 16.75 -26.45 -5.72
CA HIS C 8 17.01 -25.44 -6.72
C HIS C 8 17.33 -24.12 -5.97
N ILE C 9 16.45 -23.73 -5.06
CA ILE C 9 16.66 -22.50 -4.29
C ILE C 9 18.02 -22.47 -3.62
N ARG C 10 18.40 -23.53 -2.92
CA ARG C 10 19.71 -23.52 -2.29
C ARG C 10 20.79 -23.34 -3.33
N GLN C 11 20.75 -24.13 -4.41
CA GLN C 11 21.82 -24.00 -5.38
C GLN C 11 21.88 -22.62 -6.03
N GLU C 12 20.72 -22.02 -6.26
CA GLU C 12 20.71 -20.69 -6.86
C GLU C 12 21.33 -19.69 -5.90
N ALA C 13 20.95 -19.78 -4.63
CA ALA C 13 21.46 -18.86 -3.62
C ALA C 13 22.97 -18.86 -3.54
N LYS C 14 23.57 -20.06 -3.58
CA LYS C 14 25.01 -20.18 -3.53
C LYS C 14 25.68 -19.40 -4.64
N GLU C 15 25.13 -19.55 -5.84
CA GLU C 15 25.65 -18.87 -7.02
C GLU C 15 25.46 -17.35 -6.89
N LEU C 16 24.21 -16.95 -6.66
CA LEU C 16 23.83 -15.54 -6.55
C LEU C 16 24.68 -14.76 -5.55
N ALA C 17 25.04 -15.42 -4.45
CA ALA C 17 25.85 -14.80 -3.41
C ALA C 17 27.26 -14.64 -3.96
N GLU C 18 27.76 -15.66 -4.66
CA GLU C 18 29.10 -15.53 -5.24
C GLU C 18 29.15 -14.38 -6.24
N ASN C 19 28.06 -14.14 -6.96
CA ASN C 19 28.05 -13.04 -7.94
C ASN C 19 27.72 -11.64 -7.41
N GLU C 20 27.15 -11.55 -6.22
CA GLU C 20 26.76 -10.27 -5.63
C GLU C 20 27.21 -10.11 -4.17
N PRO C 21 28.44 -9.63 -3.97
CA PRO C 21 29.00 -9.43 -2.63
C PRO C 21 28.16 -8.57 -1.70
N MET C 22 27.49 -7.56 -2.24
CA MET C 22 26.67 -6.69 -1.41
C MET C 22 25.37 -7.34 -0.98
N LEU C 23 25.12 -8.57 -1.43
CA LEU C 23 23.87 -9.23 -1.08
C LEU C 23 24.10 -10.60 -0.52
N ALA C 24 25.37 -10.99 -0.45
CA ALA C 24 25.75 -12.29 0.06
C ALA C 24 25.19 -12.51 1.47
N SER C 25 25.30 -11.51 2.34
CA SER C 25 24.81 -11.65 3.71
C SER C 25 23.31 -12.00 3.67
N PHE C 26 22.58 -11.29 2.83
CA PHE C 26 21.17 -11.52 2.68
C PHE C 26 20.89 -12.97 2.21
N PHE C 27 21.57 -13.43 1.16
CA PHE C 27 21.34 -14.80 0.70
C PHE C 27 21.64 -15.84 1.81
N HIS C 28 22.71 -15.63 2.58
CA HIS C 28 23.07 -16.54 3.66
C HIS C 28 22.04 -16.58 4.79
N SER C 29 21.56 -15.40 5.22
CA SER C 29 20.57 -15.29 6.30
C SER C 29 19.19 -15.89 5.98
N THR C 30 18.67 -15.59 4.81
CA THR C 30 17.35 -16.10 4.43
C THR C 30 17.35 -17.56 3.97
N ILE C 31 18.36 -17.95 3.22
CA ILE C 31 18.41 -19.30 2.62
C ILE C 31 19.50 -20.27 3.08
N LEU C 32 20.73 -19.97 2.67
CA LEU C 32 21.86 -20.82 2.94
C LEU C 32 22.10 -21.30 4.34
N LYS C 33 21.75 -20.51 5.37
CA LYS C 33 21.97 -20.99 6.72
C LYS C 33 20.79 -21.85 7.20
N HIS C 34 19.73 -21.94 6.42
CA HIS C 34 18.55 -22.72 6.81
C HIS C 34 18.60 -24.14 6.28
N GLN C 35 17.91 -25.04 6.95
CA GLN C 35 17.97 -26.45 6.52
C GLN C 35 16.87 -26.89 5.57
N ASN C 36 15.73 -26.20 5.62
CA ASN C 36 14.60 -26.54 4.78
C ASN C 36 13.78 -25.29 4.40
N LEU C 37 12.79 -25.49 3.54
CA LEU C 37 11.97 -24.38 3.08
C LEU C 37 11.24 -23.68 4.22
N GLY C 38 10.67 -24.44 5.16
CA GLY C 38 9.96 -23.85 6.28
C GLY C 38 10.86 -22.93 7.11
N GLY C 39 12.09 -23.38 7.40
CA GLY C 39 13.02 -22.54 8.16
C GLY C 39 13.24 -21.23 7.40
N ALA C 40 13.52 -21.33 6.11
CA ALA C 40 13.75 -20.11 5.33
C ALA C 40 12.47 -19.25 5.22
N LEU C 41 11.34 -19.90 4.96
CA LEU C 41 10.09 -19.16 4.83
C LEU C 41 9.69 -18.44 6.13
N SER C 42 9.77 -19.13 7.26
CA SER C 42 9.39 -18.54 8.55
C SER C 42 10.37 -17.42 8.94
N TYR C 43 11.65 -17.61 8.65
CA TYR C 43 12.61 -16.56 8.93
C TYR C 43 12.24 -15.31 8.11
N LEU C 44 11.95 -15.51 6.82
CA LEU C 44 11.57 -14.42 5.95
C LEU C 44 10.30 -13.73 6.40
N LEU C 45 9.27 -14.51 6.70
CA LEU C 45 8.01 -13.91 7.13
C LEU C 45 8.08 -13.19 8.49
N ALA C 46 8.76 -13.79 9.47
CA ALA C 46 8.87 -13.15 10.79
C ALA C 46 9.51 -11.76 10.62
N ASN C 47 10.60 -11.70 9.87
CA ASN C 47 11.29 -10.44 9.62
C ASN C 47 10.43 -9.40 8.86
N LYS C 48 9.67 -9.83 7.86
CA LYS C 48 8.85 -8.90 7.10
C LYS C 48 7.61 -8.36 7.84
N LEU C 49 6.99 -9.19 8.67
CA LEU C 49 5.82 -8.80 9.46
C LEU C 49 6.21 -8.15 10.81
N ALA C 50 7.49 -8.20 11.15
CA ALA C 50 7.98 -7.66 12.40
C ALA C 50 7.70 -6.18 12.59
N ASN C 51 7.56 -5.80 13.85
CA ASN C 51 7.33 -4.42 14.21
C ASN C 51 7.82 -4.18 15.65
N PRO C 52 7.86 -2.92 16.08
CA PRO C 52 8.31 -2.59 17.43
C PRO C 52 7.60 -3.37 18.54
N ILE C 53 6.30 -3.57 18.41
CA ILE C 53 5.61 -4.31 19.46
C ILE C 53 5.82 -5.84 19.45
N MET C 54 5.75 -6.47 18.28
CA MET C 54 5.97 -7.92 18.18
C MET C 54 7.18 -8.14 17.26
N PRO C 55 8.39 -8.22 17.83
CA PRO C 55 9.62 -8.43 17.07
C PRO C 55 9.67 -9.72 16.24
N ALA C 56 10.61 -9.76 15.31
CA ALA C 56 10.75 -10.92 14.45
C ALA C 56 10.93 -12.24 15.24
N ILE C 57 11.56 -12.16 16.40
CA ILE C 57 11.79 -13.38 17.20
C ILE C 57 10.46 -13.92 17.70
N SER C 58 9.59 -13.02 18.15
CA SER C 58 8.28 -13.45 18.63
C SER C 58 7.32 -13.90 17.51
N LEU C 59 7.29 -13.20 16.38
CA LEU C 59 6.45 -13.61 15.25
C LEU C 59 6.87 -15.01 14.75
N ARG C 60 8.17 -15.27 14.73
CA ARG C 60 8.68 -16.55 14.25
C ARG C 60 8.23 -17.72 15.12
N GLU C 61 8.12 -17.50 16.42
CA GLU C 61 7.66 -18.52 17.34
C GLU C 61 6.26 -18.97 16.90
N ILE C 62 5.43 -18.01 16.54
CA ILE C 62 4.07 -18.29 16.11
C ILE C 62 4.02 -19.10 14.82
N ILE C 63 4.80 -18.66 13.83
CA ILE C 63 4.87 -19.30 12.51
C ILE C 63 5.45 -20.71 12.58
N GLU C 64 6.47 -20.90 13.41
CA GLU C 64 7.06 -22.23 13.51
C GLU C 64 6.08 -23.24 14.14
N GLU C 65 5.27 -22.78 15.09
CA GLU C 65 4.30 -23.66 15.74
C GLU C 65 3.27 -24.11 14.69
N ALA C 66 2.85 -23.17 13.86
CA ALA C 66 1.91 -23.48 12.80
C ALA C 66 2.50 -24.49 11.82
N TYR C 67 3.73 -24.27 11.37
CA TYR C 67 4.38 -25.21 10.45
C TYR C 67 4.59 -26.57 11.12
N GLN C 68 4.83 -26.57 12.42
CA GLN C 68 5.03 -27.81 13.15
C GLN C 68 3.68 -28.56 13.26
N SER C 69 2.59 -27.85 13.51
CA SER C 69 1.26 -28.46 13.64
C SER C 69 0.63 -28.88 12.30
N ASN C 70 1.02 -28.19 11.23
CA ASN C 70 0.52 -28.50 9.91
C ASN C 70 1.58 -28.21 8.86
N PRO C 71 2.51 -29.15 8.66
CA PRO C 71 3.62 -29.08 7.70
C PRO C 71 3.17 -28.86 6.26
N SER C 72 1.96 -29.27 5.93
CA SER C 72 1.51 -29.06 4.55
C SER C 72 1.47 -27.58 4.18
N ILE C 73 1.39 -26.68 5.17
CA ILE C 73 1.38 -25.26 4.83
C ILE C 73 2.60 -24.94 3.98
N ILE C 74 3.74 -25.49 4.37
CA ILE C 74 4.99 -25.29 3.64
C ILE C 74 4.86 -25.85 2.23
N ASP C 75 4.27 -27.04 2.09
CA ASP C 75 4.12 -27.62 0.76
C ASP C 75 3.34 -26.69 -0.17
N CYS C 76 2.32 -26.03 0.37
CA CYS C 76 1.55 -25.08 -0.44
C CYS C 76 2.47 -23.99 -1.00
N ALA C 77 3.47 -23.64 -0.21
CA ALA C 77 4.41 -22.60 -0.61
C ALA C 77 5.23 -23.06 -1.79
N ALA C 78 5.78 -24.27 -1.70
CA ALA C 78 6.56 -24.79 -2.80
C ALA C 78 5.70 -24.81 -4.07
N CYS C 79 4.42 -25.18 -3.94
CA CYS C 79 3.57 -25.19 -5.13
C CYS C 79 3.34 -23.77 -5.64
N ASP C 80 3.43 -22.80 -4.76
CA ASP C 80 3.21 -21.41 -5.17
C ASP C 80 4.44 -20.83 -5.86
N ILE C 81 5.62 -21.23 -5.40
CA ILE C 81 6.84 -20.73 -6.01
C ILE C 81 6.85 -21.24 -7.46
N GLN C 82 6.49 -22.51 -7.64
CA GLN C 82 6.46 -23.12 -8.96
C GLN C 82 5.53 -22.37 -9.91
N ALA C 83 4.27 -22.15 -9.49
CA ALA C 83 3.32 -21.43 -10.31
C ALA C 83 3.82 -20.07 -10.79
N VAL C 84 4.32 -19.23 -9.90
CA VAL C 84 4.76 -17.92 -10.35
C VAL C 84 5.91 -18.15 -11.30
N ARG C 85 6.77 -19.09 -10.95
CA ARG C 85 7.95 -19.40 -11.75
C ARG C 85 7.68 -19.57 -13.24
N HIS C 86 6.69 -20.38 -13.63
CA HIS C 86 6.44 -20.46 -15.06
C HIS C 86 5.18 -19.77 -15.54
N ARG C 87 4.35 -19.25 -14.64
CA ARG C 87 3.17 -18.49 -15.10
C ARG C 87 3.62 -17.05 -15.26
N ASP C 88 4.90 -16.78 -15.00
CA ASP C 88 5.49 -15.44 -15.14
C ASP C 88 6.75 -15.55 -16.06
N PRO C 89 6.64 -15.06 -17.31
CA PRO C 89 7.71 -15.08 -18.32
C PRO C 89 9.09 -14.77 -17.71
N ALA C 90 9.17 -13.57 -17.12
CA ALA C 90 10.37 -13.03 -16.48
C ALA C 90 10.94 -13.79 -15.29
N VAL C 91 10.08 -14.38 -14.46
CA VAL C 91 10.61 -15.06 -13.31
C VAL C 91 11.22 -16.37 -13.74
N GLU C 92 12.53 -16.44 -13.69
CA GLU C 92 13.17 -17.65 -14.09
C GLU C 92 13.79 -18.29 -12.85
N LEU C 93 14.06 -17.50 -11.82
CA LEU C 93 14.67 -18.12 -10.64
C LEU C 93 13.64 -18.60 -9.63
N TRP C 94 13.87 -19.80 -9.09
CA TRP C 94 12.99 -20.38 -8.10
C TRP C 94 13.00 -19.57 -6.82
N SER C 95 14.17 -18.98 -6.54
CA SER C 95 14.35 -18.19 -5.32
C SER C 95 13.69 -16.82 -5.37
N THR C 96 13.36 -16.34 -6.55
CA THR C 96 12.75 -15.01 -6.69
C THR C 96 11.40 -14.82 -5.99
N PRO C 97 10.47 -15.77 -6.15
CA PRO C 97 9.16 -15.62 -5.50
C PRO C 97 9.35 -15.69 -3.97
N LEU C 98 10.16 -16.64 -3.53
CA LEU C 98 10.42 -16.82 -2.12
C LEU C 98 11.02 -15.59 -1.43
N LEU C 99 12.02 -15.02 -2.06
CA LEU C 99 12.72 -13.87 -1.51
C LEU C 99 12.08 -12.48 -1.69
N TYR C 100 11.57 -12.21 -2.87
CA TYR C 100 11.12 -10.86 -3.17
C TYR C 100 9.68 -10.50 -3.45
N LEU C 101 8.87 -11.44 -3.84
CA LEU C 101 7.51 -11.10 -4.21
C LEU C 101 6.55 -10.97 -3.05
N LYS C 102 6.09 -9.75 -2.79
CA LYS C 102 5.21 -9.52 -1.65
C LYS C 102 3.86 -10.22 -1.74
N GLY C 103 3.42 -10.53 -2.95
CA GLY C 103 2.16 -11.24 -3.09
C GLY C 103 2.38 -12.66 -2.60
N PHE C 104 3.54 -13.22 -2.92
CA PHE C 104 3.85 -14.57 -2.49
C PHE C 104 3.92 -14.59 -0.97
N HIS C 105 4.61 -13.60 -0.39
CA HIS C 105 4.74 -13.51 1.06
C HIS C 105 3.36 -13.33 1.66
N ALA C 106 2.53 -12.54 1.01
CA ALA C 106 1.18 -12.30 1.50
C ALA C 106 0.37 -13.58 1.55
N ILE C 107 0.47 -14.39 0.49
CA ILE C 107 -0.29 -15.62 0.46
C ILE C 107 0.17 -16.57 1.54
N GLN C 108 1.49 -16.82 1.58
CA GLN C 108 2.00 -17.73 2.59
C GLN C 108 1.62 -17.25 4.00
N SER C 109 1.65 -15.94 4.23
CA SER C 109 1.28 -15.42 5.56
C SER C 109 -0.19 -15.74 5.80
N TYR C 110 -1.02 -15.49 4.81
CA TYR C 110 -2.44 -15.78 4.90
C TYR C 110 -2.69 -17.25 5.29
N ARG C 111 -1.95 -18.19 4.68
CA ARG C 111 -2.14 -19.61 4.95
C ARG C 111 -1.95 -19.85 6.45
N ILE C 112 -1.06 -19.08 7.07
CA ILE C 112 -0.85 -19.22 8.50
C ILE C 112 -2.11 -18.78 9.25
N THR C 113 -2.66 -17.64 8.88
CA THR C 113 -3.86 -17.14 9.56
C THR C 113 -5.07 -18.06 9.34
N HIS C 114 -5.12 -18.72 8.18
CA HIS C 114 -6.26 -19.60 7.86
C HIS C 114 -6.23 -20.81 8.76
N TYR C 115 -5.05 -21.39 8.92
CA TYR C 115 -4.85 -22.54 9.79
C TYR C 115 -5.26 -22.08 11.21
N LEU C 116 -4.79 -20.90 11.61
CA LEU C 116 -5.13 -20.40 12.94
C LEU C 116 -6.62 -20.15 13.09
N TRP C 117 -7.26 -19.58 12.09
CA TRP C 117 -8.69 -19.32 12.18
C TRP C 117 -9.45 -20.62 12.33
N ASN C 118 -8.96 -21.69 11.71
CA ASN C 118 -9.59 -23.00 11.84
C ASN C 118 -9.34 -23.60 13.23
N GLN C 119 -8.32 -23.17 13.96
CA GLN C 119 -8.05 -23.72 15.30
C GLN C 119 -8.79 -22.88 16.34
N ASN C 120 -9.58 -21.96 15.82
CA ASN C 120 -10.30 -20.99 16.63
C ASN C 120 -9.38 -20.04 17.38
N ARG C 121 -8.23 -19.71 16.78
CA ARG C 121 -7.30 -18.76 17.39
C ARG C 121 -7.47 -17.48 16.58
N LYS C 122 -8.66 -16.91 16.67
CA LYS C 122 -9.05 -15.74 15.91
C LYS C 122 -8.34 -14.44 16.20
N SER C 123 -8.04 -14.20 17.47
CA SER C 123 -7.34 -12.96 17.80
C SER C 123 -5.98 -13.02 17.10
N LEU C 124 -5.33 -14.18 17.14
CA LEU C 124 -4.04 -14.31 16.48
C LEU C 124 -4.17 -14.20 14.97
N ALA C 125 -5.27 -14.73 14.43
CA ALA C 125 -5.48 -14.69 13.00
C ALA C 125 -5.74 -13.28 12.53
N LEU C 126 -6.48 -12.51 13.35
CA LEU C 126 -6.80 -11.15 12.98
C LEU C 126 -5.57 -10.26 13.10
N TYR C 127 -4.74 -10.53 14.09
CA TYR C 127 -3.52 -9.75 14.26
C TYR C 127 -2.63 -9.92 13.02
N LEU C 128 -2.43 -11.17 12.60
CA LEU C 128 -1.58 -11.41 11.44
C LEU C 128 -2.22 -10.86 10.16
N GLN C 129 -3.50 -11.13 9.96
CA GLN C 129 -4.19 -10.62 8.78
C GLN C 129 -3.83 -9.15 8.59
N ASN C 130 -3.98 -8.37 9.65
CA ASN C 130 -3.72 -6.96 9.52
C ASN C 130 -2.25 -6.55 9.42
N GLN C 131 -1.35 -7.31 10.03
CA GLN C 131 0.05 -6.96 9.85
C GLN C 131 0.41 -7.34 8.39
N ILE C 132 -0.24 -8.38 7.82
CA ILE C 132 0.03 -8.74 6.43
C ILE C 132 -0.36 -7.54 5.56
N SER C 133 -1.48 -6.92 5.88
CA SER C 133 -1.95 -5.76 5.14
C SER C 133 -0.99 -4.56 5.25
N VAL C 134 -0.41 -4.38 6.43
CA VAL C 134 0.52 -3.29 6.63
C VAL C 134 1.82 -3.54 5.88
N ALA C 135 2.39 -4.73 6.02
CA ALA C 135 3.65 -5.02 5.34
C ALA C 135 3.58 -5.20 3.82
N PHE C 136 2.57 -5.91 3.34
CA PHE C 136 2.45 -6.21 1.92
C PHE C 136 1.34 -5.47 1.17
N ASP C 137 0.47 -4.81 1.91
CA ASP C 137 -0.66 -4.07 1.33
C ASP C 137 -1.64 -5.05 0.66
N VAL C 138 -1.76 -6.23 1.27
CA VAL C 138 -2.68 -7.28 0.85
C VAL C 138 -3.54 -7.62 2.08
N ASP C 139 -4.85 -7.61 1.89
CA ASP C 139 -5.80 -7.90 2.97
C ASP C 139 -6.70 -9.10 2.67
N ILE C 140 -6.33 -10.27 3.18
CA ILE C 140 -7.10 -11.50 2.95
C ILE C 140 -7.70 -11.96 4.28
N HIS C 141 -9.03 -11.97 4.40
CA HIS C 141 -9.63 -12.41 5.64
C HIS C 141 -9.25 -13.87 5.87
N PRO C 142 -8.75 -14.18 7.07
CA PRO C 142 -8.34 -15.54 7.40
C PRO C 142 -9.34 -16.64 7.05
N ALA C 143 -10.62 -16.31 7.00
CA ALA C 143 -11.61 -17.33 6.71
C ALA C 143 -11.76 -17.62 5.21
N ALA C 144 -11.22 -16.76 4.35
CA ALA C 144 -11.31 -17.04 2.92
C ALA C 144 -10.65 -18.38 2.58
N LYS C 145 -11.09 -19.00 1.51
CA LYS C 145 -10.55 -20.29 1.06
C LYS C 145 -9.73 -20.08 -0.21
N ILE C 146 -8.47 -20.48 -0.16
CA ILE C 146 -7.54 -20.31 -1.27
C ILE C 146 -6.72 -21.56 -1.51
N GLY C 147 -6.68 -22.01 -2.76
CA GLY C 147 -5.93 -23.21 -3.12
C GLY C 147 -4.45 -22.99 -3.39
N HIS C 148 -3.83 -23.89 -4.15
CA HIS C 148 -2.40 -23.75 -4.45
C HIS C 148 -2.11 -23.33 -5.89
N GLY C 149 -0.85 -23.06 -6.19
CA GLY C 149 -0.48 -22.61 -7.52
C GLY C 149 -1.04 -21.21 -7.76
N ILE C 150 -1.29 -20.47 -6.67
CA ILE C 150 -1.84 -19.11 -6.71
C ILE C 150 -0.79 -18.00 -6.95
N MET C 151 -1.15 -17.01 -7.77
CA MET C 151 -0.24 -15.92 -8.04
C MET C 151 -0.86 -14.53 -7.80
N PHE C 152 -0.26 -13.80 -6.86
CA PHE C 152 -0.73 -12.45 -6.61
C PHE C 152 0.44 -11.63 -7.16
N ASP C 153 0.31 -11.26 -8.44
CA ASP C 153 1.36 -10.51 -9.13
C ASP C 153 1.27 -9.04 -8.73
N HIS C 154 2.37 -8.50 -8.23
CA HIS C 154 2.46 -7.10 -7.79
C HIS C 154 1.68 -6.95 -6.47
N ALA C 155 0.43 -7.41 -6.49
CA ALA C 155 -0.39 -7.48 -5.28
C ALA C 155 -0.96 -6.27 -4.56
N THR C 156 -0.37 -5.11 -4.76
CA THR C 156 -0.87 -3.94 -4.06
C THR C 156 -2.36 -3.69 -4.21
N GLY C 157 -3.05 -3.57 -3.06
CA GLY C 157 -4.47 -3.31 -3.06
C GLY C 157 -5.41 -4.51 -3.21
N ILE C 158 -4.87 -5.71 -3.20
CA ILE C 158 -5.74 -6.86 -3.31
C ILE C 158 -6.49 -7.00 -1.98
N VAL C 159 -7.81 -7.14 -2.06
CA VAL C 159 -8.67 -7.36 -0.88
C VAL C 159 -9.54 -8.60 -1.12
N VAL C 160 -9.43 -9.58 -0.23
CA VAL C 160 -10.19 -10.81 -0.35
C VAL C 160 -11.09 -11.01 0.87
N GLY C 161 -12.40 -11.01 0.62
CA GLY C 161 -13.40 -11.14 1.65
C GLY C 161 -13.49 -12.43 2.45
N GLU C 162 -14.13 -12.32 3.62
CA GLU C 162 -14.31 -13.45 4.53
C GLU C 162 -14.89 -14.75 3.96
N THR C 163 -15.81 -14.68 2.99
CA THR C 163 -16.42 -15.90 2.44
C THR C 163 -15.92 -16.25 1.03
N SER C 164 -14.82 -15.65 0.61
CA SER C 164 -14.34 -15.89 -0.74
C SER C 164 -13.72 -17.26 -0.94
N VAL C 165 -13.79 -17.71 -2.18
CA VAL C 165 -13.20 -18.98 -2.51
C VAL C 165 -12.30 -18.74 -3.72
N ILE C 166 -11.08 -19.25 -3.66
CA ILE C 166 -10.13 -19.10 -4.76
C ILE C 166 -9.55 -20.47 -4.99
N GLU C 167 -9.84 -21.02 -6.17
CA GLU C 167 -9.35 -22.34 -6.52
C GLU C 167 -7.92 -22.31 -7.06
N ASN C 168 -7.41 -23.49 -7.37
CA ASN C 168 -6.05 -23.64 -7.84
C ASN C 168 -5.68 -22.87 -9.10
N ASP C 169 -4.42 -22.51 -9.19
CA ASP C 169 -3.92 -21.85 -10.37
C ASP C 169 -4.61 -20.56 -10.79
N VAL C 170 -5.15 -19.84 -9.81
CA VAL C 170 -5.78 -18.56 -10.13
C VAL C 170 -4.67 -17.50 -10.10
N SER C 171 -4.76 -16.48 -10.94
CA SER C 171 -3.77 -15.41 -10.92
C SER C 171 -4.53 -14.12 -10.65
N ILE C 172 -4.04 -13.32 -9.69
CA ILE C 172 -4.68 -12.06 -9.34
C ILE C 172 -3.67 -10.94 -9.31
N LEU C 173 -4.01 -9.85 -10.00
CA LEU C 173 -3.14 -8.70 -10.09
C LEU C 173 -3.50 -7.63 -9.05
N GLN C 174 -2.67 -6.59 -9.01
CA GLN C 174 -2.84 -5.45 -8.11
C GLN C 174 -4.26 -4.89 -8.22
N GLY C 175 -4.76 -4.28 -7.13
CA GLY C 175 -6.07 -3.65 -7.13
C GLY C 175 -7.34 -4.45 -7.21
N VAL C 176 -7.21 -5.76 -7.14
CA VAL C 176 -8.37 -6.62 -7.21
C VAL C 176 -9.05 -6.76 -5.88
N THR C 177 -10.36 -6.66 -5.89
CA THR C 177 -11.19 -6.85 -4.70
C THR C 177 -12.15 -8.03 -4.95
N LEU C 178 -12.23 -8.97 -4.00
CA LEU C 178 -13.21 -10.06 -4.05
C LEU C 178 -14.03 -9.72 -2.83
N GLY C 179 -15.27 -9.30 -3.03
CA GLY C 179 -16.10 -8.91 -1.91
C GLY C 179 -17.59 -8.99 -2.19
N GLY C 180 -18.36 -8.05 -1.65
CA GLY C 180 -19.80 -8.09 -1.87
C GLY C 180 -20.44 -6.73 -2.07
N THR C 181 -21.77 -6.72 -2.05
CA THR C 181 -22.60 -5.53 -2.18
C THR C 181 -21.88 -4.47 -1.33
N GLY C 186 -23.97 -14.23 5.52
CA GLY C 186 -23.85 -15.39 4.68
C GLY C 186 -22.99 -15.10 3.46
N ASP C 187 -23.00 -16.05 2.52
CA ASP C 187 -22.24 -15.95 1.28
C ASP C 187 -22.55 -14.65 0.56
N ARG C 188 -21.58 -13.75 0.58
CA ARG C 188 -21.72 -12.45 -0.04
C ARG C 188 -20.42 -12.22 -0.79
N HIS C 189 -19.60 -13.28 -0.94
CA HIS C 189 -18.33 -13.19 -1.65
C HIS C 189 -18.17 -14.19 -2.80
N PRO C 190 -17.39 -13.81 -3.83
CA PRO C 190 -17.11 -14.60 -5.04
C PRO C 190 -16.49 -15.98 -4.83
N LYS C 191 -16.74 -16.84 -5.82
CA LYS C 191 -16.19 -18.18 -5.84
C LYS C 191 -15.43 -18.28 -7.13
N VAL C 192 -14.16 -17.91 -7.09
CA VAL C 192 -13.30 -17.92 -8.26
C VAL C 192 -12.72 -19.28 -8.53
N ARG C 193 -13.17 -19.88 -9.61
CA ARG C 193 -12.73 -21.22 -9.97
C ARG C 193 -11.35 -21.34 -10.62
N GLU C 194 -10.92 -22.59 -10.68
CA GLU C 194 -9.62 -22.98 -11.19
C GLU C 194 -9.12 -22.29 -12.47
N GLY C 195 -7.92 -21.71 -12.37
CA GLY C 195 -7.30 -21.09 -13.52
C GLY C 195 -7.71 -19.72 -13.95
N VAL C 196 -8.64 -19.10 -13.24
CA VAL C 196 -9.10 -17.77 -13.59
C VAL C 196 -7.97 -16.74 -13.51
N MET C 197 -7.97 -15.79 -14.45
CA MET C 197 -6.97 -14.73 -14.45
C MET C 197 -7.74 -13.42 -14.23
N ILE C 198 -7.42 -12.69 -13.17
CA ILE C 198 -8.13 -11.44 -12.90
C ILE C 198 -7.26 -10.21 -13.15
N GLY C 199 -7.69 -9.38 -14.09
CA GLY C 199 -6.94 -8.19 -14.43
C GLY C 199 -6.84 -7.16 -13.31
N ALA C 200 -5.89 -6.23 -13.44
CA ALA C 200 -5.68 -5.19 -12.44
C ALA C 200 -6.89 -4.30 -12.21
N GLY C 201 -7.16 -4.02 -10.95
CA GLY C 201 -8.26 -3.15 -10.56
C GLY C 201 -9.69 -3.69 -10.60
N ALA C 202 -9.86 -4.94 -11.04
CA ALA C 202 -11.19 -5.51 -11.12
C ALA C 202 -11.86 -5.68 -9.75
N LYS C 203 -13.14 -5.32 -9.67
CA LYS C 203 -13.89 -5.49 -8.42
C LYS C 203 -14.98 -6.55 -8.62
N ILE C 204 -14.77 -7.73 -8.04
CA ILE C 204 -15.74 -8.82 -8.16
C ILE C 204 -16.62 -8.86 -6.90
N LEU C 205 -17.90 -8.48 -7.03
CA LEU C 205 -18.80 -8.42 -5.88
C LEU C 205 -20.06 -9.30 -5.86
N GLY C 206 -20.32 -9.95 -4.73
CA GLY C 206 -21.47 -10.81 -4.57
C GLY C 206 -21.08 -12.27 -4.55
N ASN C 207 -21.97 -13.14 -4.07
CA ASN C 207 -21.72 -14.59 -4.04
C ASN C 207 -21.96 -15.06 -5.48
N ILE C 208 -21.12 -14.61 -6.41
CA ILE C 208 -21.24 -14.99 -7.83
C ILE C 208 -20.13 -15.98 -8.23
N GLU C 209 -20.35 -16.72 -9.31
CA GLU C 209 -19.38 -17.70 -9.80
C GLU C 209 -18.58 -17.21 -11.00
N VAL C 210 -17.26 -17.37 -10.93
CA VAL C 210 -16.33 -17.02 -12.01
C VAL C 210 -15.79 -18.36 -12.47
N GLY C 211 -16.36 -18.89 -13.57
CA GLY C 211 -15.98 -20.20 -14.07
C GLY C 211 -14.52 -20.50 -14.39
N LYS C 212 -14.11 -21.75 -14.25
CA LYS C 212 -12.72 -22.06 -14.55
C LYS C 212 -12.23 -21.48 -15.87
N TYR C 213 -10.96 -21.08 -15.84
CA TYR C 213 -10.28 -20.49 -16.96
C TYR C 213 -10.86 -19.23 -17.56
N ALA C 214 -11.71 -18.54 -16.81
CA ALA C 214 -12.27 -17.29 -17.30
C ALA C 214 -11.23 -16.21 -17.16
N LYS C 215 -11.46 -15.09 -17.83
CA LYS C 215 -10.53 -13.98 -17.77
C LYS C 215 -11.35 -12.73 -17.43
N ILE C 216 -10.80 -11.89 -16.56
CA ILE C 216 -11.48 -10.68 -16.14
C ILE C 216 -10.72 -9.42 -16.53
N GLY C 217 -11.41 -8.53 -17.24
CA GLY C 217 -10.78 -7.31 -17.67
C GLY C 217 -10.32 -6.48 -16.50
N ALA C 218 -9.30 -5.66 -16.77
CA ALA C 218 -8.76 -4.75 -15.77
C ALA C 218 -9.88 -3.74 -15.53
N ASN C 219 -10.07 -3.35 -14.27
CA ASN C 219 -11.09 -2.39 -13.86
C ASN C 219 -12.57 -2.83 -13.98
N SER C 220 -12.83 -4.08 -14.36
CA SER C 220 -14.23 -4.53 -14.45
C SER C 220 -14.86 -4.42 -13.08
N VAL C 221 -16.18 -4.49 -13.09
CA VAL C 221 -16.96 -4.57 -11.86
C VAL C 221 -17.89 -5.70 -12.26
N VAL C 222 -17.50 -6.90 -11.87
CA VAL C 222 -18.23 -8.12 -12.17
C VAL C 222 -19.31 -8.34 -11.12
N LEU C 223 -20.55 -8.48 -11.59
CA LEU C 223 -21.69 -8.68 -10.71
C LEU C 223 -22.47 -9.94 -11.02
N ASN C 224 -22.30 -10.45 -12.24
CA ASN C 224 -23.02 -11.65 -12.64
C ASN C 224 -22.05 -12.76 -12.86
N PRO C 225 -22.49 -14.00 -12.65
CA PRO C 225 -21.53 -15.09 -12.86
C PRO C 225 -20.88 -14.98 -14.24
N VAL C 226 -19.66 -15.50 -14.35
CA VAL C 226 -18.93 -15.49 -15.62
C VAL C 226 -18.76 -16.94 -16.05
N PRO C 227 -19.13 -17.26 -17.30
CA PRO C 227 -19.00 -18.63 -17.79
C PRO C 227 -17.55 -19.11 -17.82
N GLU C 228 -17.38 -20.42 -17.83
CA GLU C 228 -16.08 -21.05 -17.90
C GLU C 228 -15.49 -20.62 -19.24
N TYR C 229 -14.18 -20.46 -19.30
CA TYR C 229 -13.53 -20.10 -20.54
C TYR C 229 -14.00 -18.80 -21.20
N ALA C 230 -14.71 -17.96 -20.47
CA ALA C 230 -15.19 -16.73 -21.07
C ALA C 230 -14.44 -15.47 -20.58
N THR C 231 -14.65 -14.36 -21.26
CA THR C 231 -13.99 -13.15 -20.85
C THR C 231 -15.06 -12.18 -20.43
N ALA C 232 -14.90 -11.62 -19.23
CA ALA C 232 -15.82 -10.66 -18.69
C ALA C 232 -15.08 -9.33 -18.60
N ALA C 233 -15.68 -8.24 -19.07
CA ALA C 233 -15.02 -6.95 -18.99
C ALA C 233 -16.03 -5.82 -18.99
N GLY C 234 -15.64 -4.70 -18.39
CA GLY C 234 -16.56 -3.58 -18.36
C GLY C 234 -17.11 -3.29 -16.99
N VAL C 235 -17.72 -2.11 -16.88
CA VAL C 235 -18.30 -1.65 -15.63
C VAL C 235 -19.76 -1.26 -15.90
N PRO C 236 -20.72 -2.14 -15.60
CA PRO C 236 -20.50 -3.48 -15.04
C PRO C 236 -20.04 -4.35 -16.18
N ALA C 237 -19.45 -5.47 -15.81
CA ALA C 237 -18.93 -6.40 -16.76
C ALA C 237 -19.99 -7.14 -17.59
N ARG C 238 -19.66 -7.37 -18.87
CA ARG C 238 -20.50 -8.13 -19.79
C ARG C 238 -19.57 -9.21 -20.34
N ILE C 239 -20.13 -10.29 -20.87
CA ILE C 239 -19.30 -11.33 -21.44
C ILE C 239 -18.91 -10.86 -22.83
N VAL C 240 -17.60 -10.82 -23.09
CA VAL C 240 -17.16 -10.31 -24.35
C VAL C 240 -16.32 -11.21 -25.25
#